data_5IZL
#
_entry.id   5IZL
#
_cell.length_a   94.302
_cell.length_b   113.242
_cell.length_c   329.725
_cell.angle_alpha   90.00
_cell.angle_beta   90.00
_cell.angle_gamma   90.00
#
_symmetry.space_group_name_H-M   'C 2 2 21'
#
loop_
_entity.id
_entity.type
_entity.pdbx_description
1 polymer 'Selenocysteine-specific elongation factor'
2 non-polymer 'MAGNESIUM ION'
3 non-polymer 'PHOSPHOMETHYLPHOSPHONIC ACID GUANYLATE ESTER'
4 water water
#
_entity_poly.entity_id   1
_entity_poly.type   'polypeptide(L)'
_entity_poly.pdbx_seq_one_letter_code
;MGSSHHHHHHSSGLVPRGSHMAGRRVNVNVGVLGHIDSGKTALARALSTTASTAAFDKQPQSRERGITLDLGFSCFSVPL
PARLRSSLPEFQAAPEAEPEPGEPLLQVTLVDCPGHASLIRTIIGGAQIIDLMMLVIDVTKGMQTQSAECLVIGQIACQK
LVVVLNKIDLLPEGKRQAAIDKMTKKMQKTLENTKFRGAPIIPVAAKPGGPEAPETEAPQGIPELIELLTSQISIPTRDP
SGPFLMSVDHCFSIKGQGTVMTGTILSGSISLGDSVEIPALKVVKKVKSMQMFHMPITSAMQGDRLGICVTQFDPKLLER
GLVCAPESLHTVHAALISVEKIPYFRGPLQTKAKFHITVGHETVMGRLMFFSPAPDNFDQEPILDSFNFSQEYLFQEQYL
SKDLTPAVTDNDEADKKAGQATEGHCPRQQWALVEFEKPVTCPRLCLVIGSRLDADIHTNTCRLAFHGILLHGLEDRNYA
DSFLPRLKVYKLKHKHGLVERAMDDYSVIGRSLFKKETNIQLFVGLKVHLSTGELGIIDSAFGQSGKFKIHIPGGLSPES
KKILTPALKKRARAGRGEATRQEESAERSEPSQHVVLSLTFKRYVFDTHKRMVQSP
;
_entity_poly.pdbx_strand_id   A,B
#
# COMPACT_ATOMS: atom_id res chain seq x y z
N ALA A 22 -29.47 22.86 25.41
CA ALA A 22 -29.78 21.44 25.52
C ALA A 22 -29.50 20.95 26.93
N GLY A 23 -29.73 19.67 27.18
CA GLY A 23 -29.53 19.08 28.48
C GLY A 23 -28.16 18.42 28.62
N ARG A 24 -28.00 17.70 29.72
CA ARG A 24 -26.77 16.96 29.98
C ARG A 24 -26.68 15.76 29.04
N ARG A 25 -25.47 15.44 28.58
CA ARG A 25 -25.31 14.33 27.64
C ARG A 25 -24.04 13.54 27.90
N VAL A 26 -24.05 12.32 27.35
CA VAL A 26 -22.92 11.41 27.35
C VAL A 26 -22.53 11.15 25.91
N ASN A 27 -21.23 11.16 25.64
CA ASN A 27 -20.71 10.91 24.31
C ASN A 27 -20.32 9.45 24.16
N VAL A 28 -20.62 8.88 23.01
CA VAL A 28 -20.13 7.57 22.60
C VAL A 28 -19.53 7.72 21.21
N ASN A 29 -18.33 7.19 21.01
CA ASN A 29 -17.71 7.19 19.70
C ASN A 29 -18.07 5.91 18.97
N VAL A 30 -18.54 6.04 17.74
CA VAL A 30 -19.02 4.92 16.92
C VAL A 30 -18.39 5.05 15.55
N GLY A 31 -17.63 4.04 15.14
CA GLY A 31 -16.90 4.12 13.90
C GLY A 31 -17.68 3.67 12.68
N VAL A 32 -17.18 4.04 11.50
CA VAL A 32 -17.72 3.66 10.21
C VAL A 32 -16.56 3.11 9.39
N LEU A 33 -16.56 1.80 9.15
CA LEU A 33 -15.50 1.11 8.44
C LEU A 33 -16.09 0.39 7.23
N GLY A 34 -15.22 -0.09 6.36
CA GLY A 34 -15.64 -0.80 5.15
C GLY A 34 -14.65 -0.57 4.03
N HIS A 35 -14.94 -1.25 2.92
CA HIS A 35 -14.13 -1.24 1.70
C HIS A 35 -13.92 0.16 1.15
N ILE A 36 -13.29 0.23 -0.02
CA ILE A 36 -12.99 1.50 -0.66
C ILE A 36 -14.08 2.41 -1.20
N ASP A 37 -15.28 1.90 -1.46
CA ASP A 37 -16.30 2.80 -1.99
C ASP A 37 -17.69 2.42 -1.53
N SER A 38 -17.81 1.87 -0.32
CA SER A 38 -19.05 1.31 0.18
C SER A 38 -20.07 2.33 0.62
N GLY A 39 -19.71 3.60 0.68
CA GLY A 39 -20.61 4.62 1.14
C GLY A 39 -20.46 5.02 2.59
N LYS A 40 -19.25 4.90 3.16
CA LYS A 40 -19.04 5.26 4.57
C LYS A 40 -19.27 6.74 4.81
N THR A 41 -18.80 7.59 3.92
CA THR A 41 -18.96 9.03 4.13
C THR A 41 -20.38 9.46 3.80
N ALA A 42 -20.97 8.91 2.74
CA ALA A 42 -22.37 9.20 2.45
C ALA A 42 -23.27 8.76 3.58
N LEU A 43 -22.92 7.70 4.28
CA LEU A 43 -23.76 7.19 5.37
C LEU A 43 -23.56 7.97 6.67
N ALA A 44 -22.34 8.38 6.97
CA ALA A 44 -22.12 9.25 8.12
C ALA A 44 -22.88 10.54 7.96
N ARG A 45 -22.82 11.13 6.77
CA ARG A 45 -23.59 12.34 6.49
C ARG A 45 -25.08 12.05 6.51
N ALA A 46 -25.50 10.97 5.84
CA ALA A 46 -26.92 10.62 5.84
C ALA A 46 -27.47 10.43 7.25
N LEU A 47 -26.66 9.94 8.16
CA LEU A 47 -27.11 9.76 9.54
C LEU A 47 -27.19 11.07 10.31
N SER A 48 -26.29 12.02 10.04
CA SER A 48 -26.33 13.27 10.79
C SER A 48 -27.45 14.17 10.32
N THR A 49 -27.85 14.09 9.05
CA THR A 49 -28.90 14.96 8.53
C THR A 49 -30.31 14.50 8.90
N THR A 50 -30.55 13.20 9.03
CA THR A 50 -31.88 12.72 9.40
C THR A 50 -32.25 13.14 10.81
N ALA A 51 -31.42 12.78 11.80
CA ALA A 51 -31.64 13.14 13.20
C ALA A 51 -31.64 14.65 13.41
N ARG A 63 -23.88 17.47 -1.26
CA ARG A 63 -22.48 17.41 -1.68
C ARG A 63 -21.91 16.01 -1.50
N GLU A 64 -20.77 15.76 -2.17
CA GLU A 64 -20.11 14.46 -2.18
C GLU A 64 -18.59 14.59 -2.39
N ARG A 65 -17.85 14.88 -1.33
CA ARG A 65 -16.41 15.02 -1.47
C ARG A 65 -15.78 13.68 -1.82
N GLY A 66 -14.53 13.72 -2.24
CA GLY A 66 -13.84 12.55 -2.75
C GLY A 66 -13.48 11.54 -1.69
N ILE A 67 -12.40 10.80 -1.90
CA ILE A 67 -12.11 9.74 -0.97
C ILE A 67 -11.60 10.31 0.35
N THR A 68 -11.64 9.48 1.37
CA THR A 68 -11.40 9.89 2.73
C THR A 68 -9.96 9.58 3.06
N LEU A 69 -9.22 10.58 3.57
CA LEU A 69 -7.80 10.43 3.82
C LEU A 69 -7.45 10.45 5.30
N ASP A 70 -8.35 10.88 6.16
CA ASP A 70 -8.10 10.78 7.59
C ASP A 70 -9.44 10.71 8.29
N LEU A 71 -9.42 10.36 9.56
CA LEU A 71 -10.63 10.20 10.35
C LEU A 71 -11.53 11.42 10.26
N GLY A 72 -12.74 11.23 9.78
CA GLY A 72 -13.75 12.28 9.75
C GLY A 72 -14.67 12.19 10.96
N PHE A 73 -15.00 13.34 11.53
CA PHE A 73 -15.79 13.40 12.75
C PHE A 73 -17.03 14.25 12.54
N SER A 74 -18.18 13.69 12.90
CA SER A 74 -19.44 14.41 12.97
C SER A 74 -20.24 13.72 14.05
N CYS A 75 -21.44 14.21 14.31
CA CYS A 75 -22.19 13.63 15.41
C CYS A 75 -23.67 13.99 15.29
N PHE A 76 -24.47 13.33 16.12
CA PHE A 76 -25.88 13.61 16.24
C PHE A 76 -26.32 13.23 17.64
N SER A 77 -27.42 13.83 18.10
CA SER A 77 -27.94 13.64 19.44
C SER A 77 -29.29 12.95 19.40
N VAL A 78 -29.59 12.22 20.47
CA VAL A 78 -30.72 11.30 20.54
C VAL A 78 -31.09 11.16 22.01
N PRO A 79 -32.35 10.95 22.35
CA PRO A 79 -32.71 10.86 23.76
C PRO A 79 -32.01 9.70 24.43
N LEU A 80 -31.55 9.92 25.63
CA LEU A 80 -30.75 8.92 26.31
C LEU A 80 -31.60 7.70 26.65
N PRO A 81 -31.14 6.49 26.33
CA PRO A 81 -31.84 5.30 26.80
C PRO A 81 -31.81 5.20 28.31
N ALA A 82 -32.90 4.71 28.89
CA ALA A 82 -32.99 4.62 30.33
C ALA A 82 -31.88 3.75 30.92
N ARG A 83 -31.36 2.80 30.16
CA ARG A 83 -30.32 1.92 30.68
C ARG A 83 -28.97 2.58 30.84
N LEU A 84 -28.81 3.83 30.43
CA LEU A 84 -27.51 4.51 30.50
C LEU A 84 -27.46 5.63 31.52
N ARG A 85 -28.56 5.93 32.21
CA ARG A 85 -28.54 6.99 33.22
C ARG A 85 -27.43 6.78 34.25
N SER A 86 -26.99 5.54 34.47
CA SER A 86 -25.91 5.28 35.40
C SER A 86 -24.57 5.82 34.93
N SER A 87 -24.46 6.33 33.71
CA SER A 87 -23.21 6.85 33.19
C SER A 87 -23.16 8.38 33.11
N LEU A 88 -24.27 9.07 33.38
CA LEU A 88 -24.25 10.52 33.32
C LEU A 88 -23.45 11.10 34.48
N PRO A 89 -22.64 12.12 34.23
CA PRO A 89 -21.98 12.88 35.30
C PRO A 89 -22.96 13.55 36.26
N PRO A 101 -33.06 20.27 33.24
CA PRO A 101 -33.49 21.20 32.19
C PRO A 101 -34.13 20.48 31.02
N GLY A 102 -33.33 20.24 29.99
CA GLY A 102 -33.76 19.36 28.94
C GLY A 102 -33.59 17.90 29.32
N GLU A 103 -34.37 17.05 28.69
CA GLU A 103 -34.21 15.62 28.88
C GLU A 103 -32.79 15.22 28.53
N PRO A 104 -32.19 14.29 29.24
CA PRO A 104 -30.82 13.89 28.93
C PRO A 104 -30.69 13.36 27.51
N LEU A 105 -29.49 13.50 26.95
CA LEU A 105 -29.21 13.14 25.56
C LEU A 105 -28.06 12.15 25.48
N LEU A 106 -28.05 11.41 24.37
CA LEU A 106 -26.93 10.55 24.01
C LEU A 106 -26.33 11.14 22.74
N GLN A 107 -25.11 11.63 22.82
CA GLN A 107 -24.43 12.13 21.63
C GLN A 107 -23.55 11.02 21.09
N VAL A 108 -23.63 10.80 19.79
CA VAL A 108 -22.91 9.74 19.12
C VAL A 108 -22.00 10.42 18.12
N THR A 109 -20.71 10.28 18.30
CA THR A 109 -19.73 10.82 17.39
C THR A 109 -19.43 9.77 16.36
N LEU A 110 -19.66 10.09 15.10
CA LEU A 110 -19.23 9.23 14.02
C LEU A 110 -17.75 9.41 13.79
N VAL A 111 -17.04 8.31 13.65
CA VAL A 111 -15.63 8.32 13.32
C VAL A 111 -15.51 7.68 11.95
N ASP A 112 -15.66 8.48 10.91
CA ASP A 112 -15.65 8.01 9.53
C ASP A 112 -14.22 7.68 9.13
N CYS A 113 -13.96 6.42 8.79
CA CYS A 113 -12.61 5.99 8.49
C CYS A 113 -12.36 5.98 7.01
N PRO A 114 -11.09 6.03 6.59
CA PRO A 114 -10.76 5.79 5.18
C PRO A 114 -11.07 4.37 4.77
N GLY A 115 -11.08 4.15 3.47
CA GLY A 115 -11.33 2.83 2.98
C GLY A 115 -10.22 2.33 2.10
N HIS A 116 -9.52 3.24 1.45
CA HIS A 116 -8.45 2.86 0.57
C HIS A 116 -7.43 2.01 1.31
N ALA A 117 -6.80 1.08 0.59
CA ALA A 117 -5.96 0.08 1.22
C ALA A 117 -4.64 0.65 1.71
N SER A 118 -4.16 1.74 1.12
CA SER A 118 -2.90 2.32 1.55
C SER A 118 -2.99 2.96 2.93
N LEU A 119 -4.20 3.17 3.43
CA LEU A 119 -4.45 3.95 4.63
C LEU A 119 -4.88 3.08 5.80
N ILE A 120 -4.55 1.80 5.78
CA ILE A 120 -5.02 0.91 6.82
C ILE A 120 -4.49 1.34 8.19
N ARG A 121 -3.32 1.97 8.22
CA ARG A 121 -2.74 2.27 9.51
C ARG A 121 -3.54 3.31 10.28
N THR A 122 -4.44 4.01 9.60
CA THR A 122 -5.40 4.96 10.18
C THR A 122 -6.68 4.28 10.65
N ILE A 123 -7.20 3.35 9.85
CA ILE A 123 -8.37 2.59 10.23
C ILE A 123 -8.13 1.89 11.56
N ILE A 124 -6.92 1.40 11.79
CA ILE A 124 -6.58 0.79 13.06
C ILE A 124 -6.63 1.81 14.18
N GLY A 125 -6.04 2.98 13.95
CA GLY A 125 -6.07 4.02 14.96
C GLY A 125 -7.47 4.47 15.28
N GLY A 126 -8.37 4.46 14.30
CA GLY A 126 -9.74 4.85 14.55
C GLY A 126 -10.51 3.83 15.36
N ALA A 127 -10.14 2.56 15.25
CA ALA A 127 -10.82 1.53 16.01
C ALA A 127 -10.45 1.57 17.48
N GLN A 128 -9.37 2.23 17.85
CA GLN A 128 -8.99 2.29 19.25
C GLN A 128 -9.72 3.40 19.98
N ILE A 129 -10.55 4.14 19.27
CA ILE A 129 -11.29 5.25 19.87
C ILE A 129 -12.81 5.04 19.79
N ILE A 130 -13.23 3.86 19.33
CA ILE A 130 -14.65 3.60 19.24
C ILE A 130 -15.03 2.42 20.12
N ASP A 131 -16.32 2.36 20.43
CA ASP A 131 -16.98 1.36 21.25
C ASP A 131 -17.70 0.32 20.42
N LEU A 132 -18.53 0.76 19.49
CA LEU A 132 -19.20 -0.05 18.49
C LEU A 132 -18.63 0.34 17.14
N MET A 133 -18.72 -0.54 16.16
CA MET A 133 -18.32 -0.15 14.82
C MET A 133 -19.35 -0.62 13.80
N MET A 134 -19.61 0.21 12.81
CA MET A 134 -20.47 -0.13 11.68
C MET A 134 -19.59 -0.59 10.55
N LEU A 135 -19.74 -1.82 10.13
CA LEU A 135 -19.08 -2.29 8.94
C LEU A 135 -20.03 -2.10 7.77
N VAL A 136 -19.63 -1.33 6.78
CA VAL A 136 -20.49 -1.01 5.66
C VAL A 136 -20.14 -1.92 4.51
N ILE A 137 -21.17 -2.49 3.89
CA ILE A 137 -21.05 -3.45 2.81
C ILE A 137 -21.76 -2.89 1.59
N ASP A 138 -21.05 -2.83 0.46
CA ASP A 138 -21.69 -2.52 -0.80
C ASP A 138 -22.53 -3.73 -1.17
N VAL A 139 -23.85 -3.64 -0.98
CA VAL A 139 -24.71 -4.82 -1.03
C VAL A 139 -24.64 -5.52 -2.36
N THR A 140 -24.22 -4.83 -3.42
CA THR A 140 -23.99 -5.44 -4.72
C THR A 140 -22.72 -6.27 -4.76
N LYS A 141 -21.85 -6.13 -3.76
CA LYS A 141 -20.52 -6.70 -3.81
C LYS A 141 -20.16 -7.53 -2.59
N GLY A 142 -20.89 -7.44 -1.50
CA GLY A 142 -20.57 -8.26 -0.35
C GLY A 142 -19.24 -7.91 0.27
N MET A 143 -18.67 -8.88 0.98
CA MET A 143 -17.39 -8.65 1.62
C MET A 143 -16.31 -8.45 0.59
N GLN A 144 -15.66 -7.30 0.64
CA GLN A 144 -14.53 -7.04 -0.21
C GLN A 144 -13.25 -7.18 0.60
N THR A 145 -12.12 -6.86 -0.01
CA THR A 145 -10.84 -7.14 0.63
C THR A 145 -10.67 -6.38 1.94
N GLN A 146 -11.03 -5.10 1.99
CA GLN A 146 -10.89 -4.36 3.24
C GLN A 146 -12.05 -4.58 4.20
N SER A 147 -13.18 -5.10 3.74
CA SER A 147 -14.22 -5.51 4.67
C SER A 147 -13.71 -6.60 5.61
N ALA A 148 -12.93 -7.54 5.08
CA ALA A 148 -12.33 -8.56 5.92
C ALA A 148 -11.32 -7.96 6.89
N GLU A 149 -10.44 -7.09 6.39
CA GLU A 149 -9.46 -6.44 7.26
C GLU A 149 -10.13 -5.64 8.35
N CYS A 150 -11.23 -4.96 8.03
CA CYS A 150 -11.90 -4.11 9.02
C CYS A 150 -12.63 -4.96 10.07
N LEU A 151 -13.14 -6.12 9.69
CA LEU A 151 -13.73 -7.02 10.66
C LEU A 151 -12.69 -7.55 11.63
N VAL A 152 -11.55 -7.99 11.10
CA VAL A 152 -10.47 -8.48 11.94
C VAL A 152 -10.06 -7.43 12.95
N ILE A 153 -9.82 -6.21 12.47
CA ILE A 153 -9.60 -5.07 13.36
C ILE A 153 -10.68 -5.00 14.42
N GLY A 154 -11.92 -5.22 14.03
CA GLY A 154 -13.02 -5.10 14.96
C GLY A 154 -12.97 -6.13 16.06
N GLN A 155 -12.65 -7.37 15.71
CA GLN A 155 -12.53 -8.41 16.73
C GLN A 155 -11.42 -8.10 17.72
N ILE A 156 -10.37 -7.42 17.26
CA ILE A 156 -9.23 -7.08 18.11
C ILE A 156 -9.29 -5.72 18.81
N ALA A 157 -10.34 -4.93 18.58
CA ALA A 157 -10.42 -3.62 19.22
C ALA A 157 -11.79 -3.29 19.80
N CYS A 158 -12.85 -3.34 19.03
CA CYS A 158 -14.14 -2.92 19.55
C CYS A 158 -14.86 -4.08 20.21
N GLN A 159 -15.95 -3.75 20.88
CA GLN A 159 -16.74 -4.71 21.63
C GLN A 159 -18.00 -5.15 20.92
N LYS A 160 -18.60 -4.29 20.11
CA LYS A 160 -19.82 -4.63 19.43
C LYS A 160 -19.73 -4.21 17.98
N LEU A 161 -20.54 -4.87 17.15
CA LEU A 161 -20.54 -4.66 15.72
C LEU A 161 -21.98 -4.53 15.22
N VAL A 162 -22.13 -3.84 14.11
CA VAL A 162 -23.37 -3.70 13.36
C VAL A 162 -23.02 -3.71 11.88
N VAL A 163 -23.62 -4.60 11.12
CA VAL A 163 -23.36 -4.70 9.69
C VAL A 163 -24.40 -3.87 8.97
N VAL A 164 -23.99 -3.14 7.94
CA VAL A 164 -24.82 -2.15 7.27
C VAL A 164 -24.75 -2.43 5.78
N LEU A 165 -25.84 -2.87 5.18
CA LEU A 165 -25.89 -3.19 3.76
C LEU A 165 -26.34 -1.95 3.01
N ASN A 166 -25.44 -1.37 2.25
CA ASN A 166 -25.71 -0.10 1.60
C ASN A 166 -25.74 -0.30 0.10
N LYS A 167 -26.23 0.72 -0.59
CA LYS A 167 -26.32 0.76 -2.04
C LYS A 167 -27.45 -0.15 -2.51
N ILE A 168 -28.60 0.01 -1.87
CA ILE A 168 -29.71 -0.89 -2.11
C ILE A 168 -30.54 -0.46 -3.30
N ASP A 169 -30.57 0.84 -3.60
CA ASP A 169 -31.24 1.30 -4.80
C ASP A 169 -30.72 0.58 -6.05
N LEU A 170 -29.46 0.15 -6.02
CA LEU A 170 -28.86 -0.51 -7.17
C LEU A 170 -29.61 -1.79 -7.52
N LEU A 171 -30.23 -2.42 -6.54
CA LEU A 171 -30.93 -3.66 -6.75
C LEU A 171 -32.26 -3.43 -7.44
N PRO A 172 -32.65 -4.30 -8.37
CA PRO A 172 -33.98 -4.18 -9.01
C PRO A 172 -35.08 -4.68 -8.08
N GLU A 173 -36.20 -3.96 -8.06
CA GLU A 173 -37.22 -4.20 -7.04
C GLU A 173 -37.75 -5.62 -7.09
N GLY A 174 -37.79 -6.23 -8.26
CA GLY A 174 -38.23 -7.61 -8.37
C GLY A 174 -37.36 -8.56 -7.58
N LYS A 175 -36.05 -8.57 -7.88
CA LYS A 175 -35.09 -9.40 -7.17
C LYS A 175 -34.47 -8.68 -5.98
N ARG A 176 -35.17 -7.72 -5.38
CA ARG A 176 -34.58 -6.89 -4.33
C ARG A 176 -34.55 -7.63 -3.00
N GLN A 177 -35.73 -7.76 -2.36
CA GLN A 177 -35.83 -8.38 -1.05
C GLN A 177 -35.27 -9.81 -1.04
N ALA A 178 -35.38 -10.52 -2.16
CA ALA A 178 -34.81 -11.85 -2.23
C ALA A 178 -33.29 -11.81 -2.11
N ALA A 179 -32.66 -10.76 -2.62
CA ALA A 179 -31.20 -10.65 -2.62
C ALA A 179 -30.66 -10.31 -1.25
N ILE A 180 -31.35 -9.43 -0.52
CA ILE A 180 -30.88 -9.00 0.80
C ILE A 180 -30.73 -10.20 1.73
N ASP A 181 -31.74 -11.08 1.74
CA ASP A 181 -31.70 -12.24 2.63
C ASP A 181 -30.52 -13.14 2.33
N LYS A 182 -30.08 -13.19 1.09
CA LYS A 182 -28.90 -13.98 0.76
C LYS A 182 -27.66 -13.33 1.34
N MET A 183 -27.51 -12.01 1.13
CA MET A 183 -26.41 -11.27 1.72
C MET A 183 -26.47 -11.31 3.24
N THR A 184 -27.67 -11.12 3.80
CA THR A 184 -27.83 -11.22 5.24
C THR A 184 -27.34 -12.56 5.76
N LYS A 185 -27.83 -13.64 5.17
CA LYS A 185 -27.45 -14.97 5.63
C LYS A 185 -25.99 -15.24 5.38
N LYS A 186 -25.45 -14.71 4.27
CA LYS A 186 -24.01 -14.80 4.04
C LYS A 186 -23.24 -14.06 5.12
N MET A 187 -23.82 -13.02 5.71
CA MET A 187 -23.11 -12.32 6.76
C MET A 187 -23.15 -13.08 8.07
N GLN A 188 -24.31 -13.59 8.47
CA GLN A 188 -24.39 -14.39 9.68
C GLN A 188 -23.39 -15.53 9.64
N LYS A 189 -23.22 -16.14 8.47
CA LYS A 189 -22.22 -17.19 8.32
C LYS A 189 -20.83 -16.62 8.51
N THR A 190 -20.54 -15.47 7.89
CA THR A 190 -19.23 -14.86 7.99
C THR A 190 -18.88 -14.53 9.43
N LEU A 191 -19.87 -14.19 10.24
CA LEU A 191 -19.66 -13.85 11.64
C LEU A 191 -19.83 -15.03 12.57
N GLU A 192 -20.06 -16.23 12.05
CA GLU A 192 -20.29 -17.38 12.90
C GLU A 192 -19.11 -17.64 13.82
N ASN A 193 -17.89 -17.60 13.28
CA ASN A 193 -16.71 -17.89 14.08
C ASN A 193 -16.37 -16.78 15.07
N THR A 194 -16.74 -15.54 14.77
CA THR A 194 -16.21 -14.39 15.50
C THR A 194 -17.00 -14.17 16.79
N LYS A 195 -16.67 -13.10 17.51
CA LYS A 195 -17.37 -12.73 18.72
C LYS A 195 -18.59 -11.87 18.46
N PHE A 196 -18.81 -11.47 17.21
CA PHE A 196 -20.00 -10.73 16.78
C PHE A 196 -21.01 -11.66 16.15
N ARG A 197 -21.19 -12.85 16.74
CA ARG A 197 -21.89 -13.93 16.04
C ARG A 197 -23.32 -13.54 15.70
N GLY A 198 -24.02 -12.88 16.62
CA GLY A 198 -25.40 -12.51 16.39
C GLY A 198 -25.61 -11.04 16.08
N ALA A 199 -24.61 -10.40 15.47
CA ALA A 199 -24.64 -8.97 15.23
C ALA A 199 -25.74 -8.60 14.24
N PRO A 200 -26.38 -7.46 14.44
CA PRO A 200 -27.46 -7.05 13.55
C PRO A 200 -26.95 -6.74 12.15
N ILE A 201 -27.87 -6.81 11.19
CA ILE A 201 -27.56 -6.58 9.78
C ILE A 201 -28.68 -5.74 9.16
N ILE A 202 -28.39 -4.49 8.85
CA ILE A 202 -29.42 -3.53 8.45
C ILE A 202 -29.24 -3.17 6.99
N PRO A 203 -30.30 -3.10 6.24
CA PRO A 203 -30.18 -2.58 4.88
C PRO A 203 -30.58 -1.11 4.82
N VAL A 204 -29.87 -0.34 4.00
CA VAL A 204 -30.16 1.08 3.87
C VAL A 204 -29.46 1.65 2.65
N ALA A 205 -30.01 2.74 2.11
CA ALA A 205 -29.42 3.37 0.93
C ALA A 205 -29.06 4.81 1.30
N ALA A 206 -27.77 5.07 1.49
CA ALA A 206 -27.33 6.35 2.01
C ALA A 206 -27.35 7.47 1.00
N LYS A 207 -27.33 7.14 -0.30
CA LYS A 207 -27.56 8.11 -1.36
C LYS A 207 -28.11 7.35 -2.54
N PRO A 208 -29.43 7.20 -2.61
CA PRO A 208 -30.02 6.48 -3.75
C PRO A 208 -29.76 7.23 -5.04
N GLY A 209 -29.63 6.47 -6.12
CA GLY A 209 -29.17 7.05 -7.36
C GLY A 209 -27.71 7.44 -7.25
N GLY A 210 -26.99 7.45 -8.36
CA GLY A 210 -25.58 7.72 -8.30
C GLY A 210 -25.25 9.12 -7.78
N PRO A 211 -24.01 9.56 -8.01
CA PRO A 211 -23.71 10.96 -7.72
C PRO A 211 -24.32 11.90 -8.76
N THR A 216 -31.40 14.13 -7.07
CA THR A 216 -30.99 13.94 -5.69
C THR A 216 -32.15 13.48 -4.82
N GLU A 217 -32.36 12.16 -4.74
CA GLU A 217 -33.46 11.61 -3.97
C GLU A 217 -33.17 11.65 -2.48
N ALA A 218 -33.85 10.79 -1.71
CA ALA A 218 -33.79 10.83 -0.27
C ALA A 218 -33.23 9.52 0.27
N PRO A 219 -32.45 9.57 1.35
CA PRO A 219 -31.81 8.36 1.86
C PRO A 219 -32.78 7.52 2.65
N GLN A 220 -32.70 6.23 2.37
CA GLN A 220 -33.57 5.23 2.93
C GLN A 220 -33.06 4.33 4.03
N GLY A 221 -33.90 4.16 5.03
CA GLY A 221 -33.60 3.28 6.11
C GLY A 221 -32.73 3.87 7.16
N ILE A 222 -32.75 5.17 7.29
CA ILE A 222 -31.92 5.80 8.27
C ILE A 222 -32.53 5.95 9.64
N PRO A 223 -33.83 6.14 9.73
CA PRO A 223 -34.44 6.20 11.07
C PRO A 223 -34.38 4.88 11.80
N GLU A 224 -34.36 3.78 11.07
CA GLU A 224 -34.23 2.48 11.70
C GLU A 224 -32.80 2.21 12.14
N LEU A 225 -31.81 2.69 11.40
CA LEU A 225 -30.42 2.49 11.80
C LEU A 225 -30.05 3.32 13.02
N ILE A 226 -30.62 4.51 13.17
CA ILE A 226 -30.39 5.32 14.36
C ILE A 226 -31.02 4.66 15.58
N GLU A 227 -32.17 4.02 15.40
CA GLU A 227 -32.82 3.38 16.53
C GLU A 227 -32.11 2.09 16.91
N LEU A 228 -31.46 1.45 15.96
CA LEU A 228 -30.75 0.24 16.30
C LEU A 228 -29.47 0.55 17.06
N LEU A 229 -28.66 1.46 16.53
CA LEU A 229 -27.50 1.95 17.27
C LEU A 229 -27.87 2.35 18.68
N THR A 230 -29.02 3.01 18.86
CA THR A 230 -29.44 3.42 20.20
C THR A 230 -29.70 2.24 21.10
N SER A 231 -30.25 1.15 20.57
CA SER A 231 -30.47 0.00 21.43
C SER A 231 -29.23 -0.85 21.59
N GLN A 232 -28.29 -0.74 20.67
CA GLN A 232 -27.09 -1.58 20.66
C GLN A 232 -25.93 -1.01 21.45
N ILE A 233 -25.79 0.31 21.50
CA ILE A 233 -24.71 0.96 22.22
C ILE A 233 -24.59 0.38 23.62
N SER A 234 -23.42 -0.13 23.95
CA SER A 234 -23.03 -0.45 25.32
C SER A 234 -21.93 0.50 25.74
N ILE A 235 -21.89 0.82 27.02
CA ILE A 235 -20.95 1.80 27.58
C ILE A 235 -20.06 1.10 28.60
N PRO A 236 -18.73 1.23 28.50
CA PRO A 236 -17.86 0.57 29.47
C PRO A 236 -17.96 1.20 30.86
N THR A 237 -17.05 0.81 31.75
CA THR A 237 -17.08 1.32 33.11
C THR A 237 -17.00 2.83 33.13
N ARG A 238 -16.20 3.42 32.26
CA ARG A 238 -15.87 4.83 32.32
C ARG A 238 -15.42 5.21 33.73
N ASP A 239 -14.26 4.69 34.11
CA ASP A 239 -13.72 5.14 35.38
C ASP A 239 -12.57 6.10 35.13
N PRO A 240 -12.55 7.23 35.83
CA PRO A 240 -11.53 8.25 35.57
C PRO A 240 -10.39 8.18 36.55
N SER A 241 -10.11 6.99 37.06
CA SER A 241 -9.00 6.77 37.98
C SER A 241 -7.94 5.96 37.24
N GLY A 242 -6.70 6.38 37.37
CA GLY A 242 -5.63 5.75 36.66
C GLY A 242 -4.90 6.79 35.86
N PRO A 243 -4.16 6.38 34.83
CA PRO A 243 -3.40 7.34 34.06
C PRO A 243 -4.34 8.15 33.19
N PHE A 244 -3.93 9.36 32.87
CA PHE A 244 -4.64 10.17 31.89
C PHE A 244 -4.00 9.95 30.54
N LEU A 245 -4.83 9.67 29.54
CA LEU A 245 -4.39 9.37 28.20
C LEU A 245 -5.41 9.96 27.24
N MET A 246 -4.94 10.54 26.15
CA MET A 246 -5.84 11.19 25.23
C MET A 246 -5.29 11.08 23.82
N SER A 247 -6.14 10.70 22.88
CA SER A 247 -5.76 10.58 21.49
C SER A 247 -6.15 11.85 20.76
N VAL A 248 -5.19 12.53 20.19
CA VAL A 248 -5.40 13.81 19.56
C VAL A 248 -5.66 13.59 18.08
N ASP A 249 -6.76 14.14 17.58
CA ASP A 249 -7.11 14.04 16.16
C ASP A 249 -6.97 15.35 15.39
N HIS A 250 -6.89 16.50 16.06
CA HIS A 250 -6.74 17.77 15.37
C HIS A 250 -5.99 18.74 16.26
N CYS A 251 -5.11 19.52 15.64
CA CYS A 251 -4.30 20.47 16.40
C CYS A 251 -4.14 21.73 15.58
N PHE A 252 -4.45 22.88 16.16
CA PHE A 252 -4.35 24.13 15.44
C PHE A 252 -4.10 25.27 16.42
N SER A 253 -3.59 26.36 15.88
CA SER A 253 -3.26 27.54 16.66
C SER A 253 -4.34 28.59 16.49
N ILE A 254 -4.73 29.22 17.60
CA ILE A 254 -5.63 30.36 17.61
C ILE A 254 -4.79 31.56 18.03
N LYS A 255 -4.50 32.44 17.06
CA LYS A 255 -3.54 33.52 17.21
C LYS A 255 -3.59 34.21 18.58
N GLY A 256 -4.78 34.33 19.14
CA GLY A 256 -4.89 34.91 20.47
C GLY A 256 -4.50 33.96 21.58
N GLN A 257 -5.33 32.94 21.79
CA GLN A 257 -5.16 32.04 22.93
C GLN A 257 -4.54 30.65 22.81
N GLY A 258 -3.26 30.59 22.45
CA GLY A 258 -2.59 29.30 22.44
C GLY A 258 -2.90 28.39 21.27
N THR A 259 -2.74 27.10 21.53
CA THR A 259 -2.90 26.06 20.53
C THR A 259 -3.87 25.02 21.05
N VAL A 260 -4.79 24.59 20.19
CA VAL A 260 -5.91 23.75 20.59
C VAL A 260 -5.70 22.34 20.07
N MET A 261 -6.07 21.36 20.89
CA MET A 261 -5.98 19.94 20.57
C MET A 261 -7.32 19.30 20.82
N THR A 262 -8.00 18.87 19.77
CA THR A 262 -9.24 18.12 19.96
C THR A 262 -8.95 16.63 19.86
N GLY A 263 -9.59 15.84 20.71
CA GLY A 263 -9.29 14.44 20.75
C GLY A 263 -10.09 13.75 21.80
N THR A 264 -9.85 12.44 21.93
CA THR A 264 -10.70 11.54 22.68
C THR A 264 -9.95 11.02 23.90
N ILE A 265 -10.58 11.10 25.07
CA ILE A 265 -9.94 10.63 26.28
C ILE A 265 -10.07 9.11 26.38
N LEU A 266 -8.93 8.42 26.42
CA LEU A 266 -8.93 6.97 26.54
C LEU A 266 -8.80 6.47 27.96
N SER A 267 -8.16 7.22 28.84
CA SER A 267 -7.95 6.72 30.19
C SER A 267 -7.98 7.88 31.16
N GLY A 268 -8.67 7.70 32.27
CA GLY A 268 -8.50 8.61 33.38
C GLY A 268 -9.38 9.84 33.26
N SER A 269 -8.88 10.94 33.83
CA SER A 269 -9.60 12.19 33.94
C SER A 269 -8.64 13.34 33.81
N ILE A 270 -9.16 14.53 33.52
CA ILE A 270 -8.37 15.75 33.47
C ILE A 270 -9.23 16.90 33.93
N SER A 271 -8.59 17.92 34.50
CA SER A 271 -9.28 19.12 34.95
C SER A 271 -8.43 20.34 34.64
N LEU A 272 -9.06 21.51 34.71
CA LEU A 272 -8.37 22.74 34.37
C LEU A 272 -7.21 22.99 35.33
N GLY A 273 -6.11 23.49 34.79
CA GLY A 273 -4.91 23.71 35.55
C GLY A 273 -3.92 22.57 35.49
N ASP A 274 -4.40 21.35 35.25
CA ASP A 274 -3.52 20.19 35.08
C ASP A 274 -2.49 20.44 33.99
N SER A 275 -1.40 19.72 34.09
CA SER A 275 -0.37 19.73 33.07
C SER A 275 -0.40 18.41 32.33
N VAL A 276 -0.19 18.46 31.02
CA VAL A 276 -0.13 17.28 30.21
C VAL A 276 1.25 17.20 29.60
N GLU A 277 1.74 16.00 29.41
CA GLU A 277 2.94 15.82 28.62
C GLU A 277 2.51 15.65 27.18
N ILE A 278 3.27 16.22 26.27
CA ILE A 278 3.11 15.99 24.85
C ILE A 278 4.37 15.28 24.37
N PRO A 279 4.44 13.95 24.46
CA PRO A 279 5.69 13.28 24.16
C PRO A 279 6.26 13.59 22.80
N ALA A 280 5.42 13.85 21.80
CA ALA A 280 5.94 14.14 20.47
C ALA A 280 6.78 15.40 20.44
N LEU A 281 6.65 16.26 21.44
CA LEU A 281 7.47 17.44 21.56
C LEU A 281 8.36 17.43 22.80
N LYS A 282 8.20 16.48 23.69
CA LYS A 282 9.02 16.40 24.90
C LYS A 282 8.89 17.69 25.70
N VAL A 283 7.66 18.17 25.85
CA VAL A 283 7.37 19.38 26.60
C VAL A 283 6.06 19.18 27.35
N VAL A 284 6.02 19.68 28.58
CA VAL A 284 4.81 19.67 29.40
C VAL A 284 4.17 21.04 29.33
N LYS A 285 2.86 21.08 29.14
CA LYS A 285 2.11 22.32 29.04
C LYS A 285 0.92 22.28 29.98
N LYS A 286 0.45 23.46 30.35
CA LYS A 286 -0.63 23.64 31.30
C LYS A 286 -1.95 23.79 30.57
N VAL A 287 -3.01 23.23 31.14
CA VAL A 287 -4.33 23.23 30.55
C VAL A 287 -5.01 24.54 30.93
N LYS A 288 -5.13 25.45 29.95
CA LYS A 288 -5.76 26.73 30.16
C LYS A 288 -7.28 26.65 30.06
N SER A 289 -7.82 26.06 28.99
CA SER A 289 -9.24 26.07 28.70
C SER A 289 -9.63 24.73 28.09
N MET A 290 -10.89 24.35 28.34
CA MET A 290 -11.46 23.11 27.85
C MET A 290 -12.90 23.36 27.43
N GLN A 291 -13.25 23.03 26.20
CA GLN A 291 -14.64 23.14 25.75
C GLN A 291 -15.17 21.79 25.31
N MET A 292 -16.49 21.64 25.40
CA MET A 292 -17.17 20.43 24.97
C MET A 292 -18.67 20.68 24.92
N PHE A 293 -19.33 20.15 23.90
CA PHE A 293 -20.74 20.43 23.63
C PHE A 293 -21.03 21.93 23.58
N HIS A 294 -20.16 22.69 22.93
CA HIS A 294 -20.32 24.15 22.77
C HIS A 294 -20.31 24.92 24.08
N MET A 295 -19.86 24.32 25.17
CA MET A 295 -19.78 25.00 26.45
C MET A 295 -18.43 24.71 27.09
N PRO A 296 -17.88 25.65 27.86
CA PRO A 296 -16.64 25.39 28.57
C PRO A 296 -16.90 24.53 29.80
N ILE A 297 -15.92 23.68 30.12
CA ILE A 297 -16.03 22.71 31.21
C ILE A 297 -14.79 22.76 32.07
N THR A 298 -14.87 22.13 33.23
CA THR A 298 -13.77 22.09 34.18
C THR A 298 -13.17 20.72 34.39
N SER A 299 -13.82 19.66 33.90
CA SER A 299 -13.34 18.30 34.11
C SER A 299 -13.81 17.43 32.96
N ALA A 300 -13.18 16.26 32.81
CA ALA A 300 -13.50 15.37 31.71
C ALA A 300 -13.02 13.97 32.00
N MET A 301 -13.79 12.96 31.60
CA MET A 301 -13.41 11.59 31.90
C MET A 301 -13.45 10.65 30.70
N GLN A 302 -12.64 9.61 30.78
CA GLN A 302 -12.57 8.60 29.72
C GLN A 302 -13.88 8.51 28.97
N GLY A 303 -13.80 8.46 27.64
CA GLY A 303 -14.94 8.37 26.78
C GLY A 303 -15.36 9.68 26.15
N ASP A 304 -15.12 10.79 26.83
CA ASP A 304 -15.46 12.11 26.31
C ASP A 304 -14.55 12.48 25.15
N ARG A 305 -15.04 13.35 24.30
CA ARG A 305 -14.25 13.93 23.23
C ARG A 305 -14.35 15.44 23.31
N LEU A 306 -13.22 16.10 23.54
CA LEU A 306 -13.22 17.52 23.81
C LEU A 306 -12.08 18.19 23.05
N GLY A 307 -11.87 19.43 23.37
CA GLY A 307 -10.73 20.17 22.87
C GLY A 307 -10.08 20.87 24.04
N ILE A 308 -8.76 20.82 24.08
CA ILE A 308 -7.98 21.39 25.15
C ILE A 308 -7.16 22.52 24.58
N CYS A 309 -7.06 23.59 25.34
CA CYS A 309 -6.27 24.74 24.93
C CYS A 309 -5.06 24.85 25.83
N VAL A 310 -3.87 24.91 25.23
CA VAL A 310 -2.64 25.06 25.98
C VAL A 310 -1.83 26.18 25.37
N THR A 311 -0.74 26.53 26.05
CA THR A 311 0.22 27.49 25.56
C THR A 311 0.66 27.11 24.14
N GLN A 312 0.83 28.11 23.30
CA GLN A 312 1.07 27.90 21.89
C GLN A 312 2.32 27.09 21.63
N PHE A 313 2.20 26.07 20.77
CA PHE A 313 3.34 25.41 20.15
C PHE A 313 3.08 25.32 18.67
N ASP A 314 3.95 24.67 17.96
CA ASP A 314 3.69 24.53 16.54
C ASP A 314 2.79 23.33 16.30
N PRO A 315 1.56 23.56 15.86
CA PRO A 315 0.61 22.43 15.71
C PRO A 315 1.08 21.37 14.74
N LYS A 316 1.67 21.77 13.62
CA LYS A 316 2.18 20.80 12.65
C LYS A 316 3.27 19.92 13.21
N LEU A 317 3.72 20.17 14.45
CA LEU A 317 4.66 19.26 15.08
C LEU A 317 3.96 18.08 15.74
N LEU A 318 2.65 18.18 15.97
CA LEU A 318 1.86 17.10 16.56
C LEU A 318 0.55 17.11 15.79
N GLU A 319 0.57 16.50 14.61
CA GLU A 319 -0.64 16.40 13.81
C GLU A 319 -1.63 15.50 14.54
N ARG A 320 -1.27 14.24 14.69
CA ARG A 320 -2.04 13.31 15.49
C ARG A 320 -1.08 12.67 16.48
N GLY A 321 -1.61 12.11 17.54
CA GLY A 321 -0.75 11.48 18.52
C GLY A 321 -1.38 11.54 19.89
N LEU A 322 -0.64 11.04 20.85
CA LEU A 322 -1.10 10.90 22.21
C LEU A 322 -0.57 12.02 23.10
N VAL A 323 -1.25 12.20 24.21
CA VAL A 323 -0.98 13.24 25.20
C VAL A 323 -1.32 12.64 26.53
N CYS A 324 -0.48 12.76 27.53
CA CYS A 324 -0.85 12.11 28.74
C CYS A 324 -0.17 12.63 29.97
N ALA A 325 -0.75 12.24 31.08
CA ALA A 325 -0.22 12.65 32.37
C ALA A 325 1.29 12.48 32.35
N PRO A 326 2.05 13.43 32.89
CA PRO A 326 3.50 13.47 32.62
C PRO A 326 4.22 12.27 33.21
N GLU A 327 5.23 11.79 32.48
CA GLU A 327 6.09 10.68 32.90
C GLU A 327 5.30 9.41 33.23
N SER A 328 4.25 9.15 32.45
CA SER A 328 3.49 7.92 32.62
C SER A 328 3.53 7.01 31.41
N LEU A 329 3.81 7.57 30.25
CA LEU A 329 4.14 6.75 29.10
C LEU A 329 5.63 6.48 29.11
N HIS A 330 6.02 5.34 28.56
CA HIS A 330 7.42 4.98 28.50
C HIS A 330 7.82 4.78 27.05
N THR A 331 9.02 5.20 26.70
CA THR A 331 9.53 4.94 25.37
C THR A 331 10.35 3.65 25.40
N VAL A 332 10.29 2.93 24.29
CA VAL A 332 10.85 1.59 24.22
C VAL A 332 11.57 1.47 22.90
N HIS A 333 12.68 0.75 22.90
CA HIS A 333 13.32 0.33 21.68
C HIS A 333 12.96 -1.09 21.33
N ALA A 334 12.50 -1.86 22.31
CA ALA A 334 12.10 -3.23 22.12
C ALA A 334 11.09 -3.58 23.20
N ALA A 335 10.50 -4.77 23.06
CA ALA A 335 9.42 -5.14 23.95
C ALA A 335 9.16 -6.63 23.85
N LEU A 336 8.72 -7.21 24.96
CA LEU A 336 8.19 -8.56 24.98
C LEU A 336 6.68 -8.47 24.87
N ILE A 337 6.12 -9.04 23.81
CA ILE A 337 4.68 -9.01 23.60
C ILE A 337 4.11 -10.37 23.23
N SER A 338 2.98 -10.71 23.85
CA SER A 338 2.30 -11.96 23.61
C SER A 338 1.75 -11.95 22.19
N VAL A 339 1.73 -13.10 21.55
CA VAL A 339 1.35 -13.19 20.15
C VAL A 339 0.18 -14.15 19.98
N GLU A 340 -0.77 -13.77 19.14
CA GLU A 340 -1.81 -14.65 18.65
C GLU A 340 -1.90 -14.42 17.16
N LYS A 341 -1.92 -15.49 16.39
CA LYS A 341 -2.02 -15.32 14.95
C LYS A 341 -3.46 -15.00 14.57
N ILE A 342 -3.62 -14.30 13.47
CA ILE A 342 -4.93 -14.00 12.90
C ILE A 342 -5.20 -15.02 11.80
N PRO A 343 -6.35 -15.68 11.80
CA PRO A 343 -6.52 -16.81 10.89
C PRO A 343 -6.49 -16.47 9.40
N TYR A 344 -7.10 -15.38 8.98
CA TYR A 344 -7.23 -15.14 7.55
C TYR A 344 -5.87 -14.85 6.93
N PHE A 345 -4.83 -14.78 7.74
CA PHE A 345 -3.48 -14.49 7.26
C PHE A 345 -2.90 -15.79 6.70
N ARG A 346 -3.08 -15.98 5.40
CA ARG A 346 -2.52 -17.13 4.74
C ARG A 346 -1.00 -16.99 4.68
N GLY A 347 -0.31 -17.55 5.67
CA GLY A 347 1.13 -17.51 5.69
C GLY A 347 1.71 -17.73 7.06
N PRO A 348 3.01 -18.00 7.14
CA PRO A 348 3.67 -18.20 8.43
C PRO A 348 4.19 -16.92 9.04
N LEU A 349 4.54 -17.01 10.31
CA LEU A 349 5.12 -15.92 11.10
C LEU A 349 6.52 -16.35 11.53
N GLN A 350 7.53 -15.89 10.81
CA GLN A 350 8.90 -16.36 10.99
C GLN A 350 9.73 -15.40 11.81
N THR A 351 10.41 -15.93 12.81
CA THR A 351 11.46 -15.21 13.51
C THR A 351 12.37 -14.49 12.53
N LYS A 352 12.77 -13.27 12.89
CA LYS A 352 13.67 -12.37 12.15
C LYS A 352 13.00 -11.74 10.94
N ALA A 353 11.77 -12.10 10.59
CA ALA A 353 11.08 -11.38 9.54
C ALA A 353 10.67 -10.01 10.03
N LYS A 354 10.42 -9.11 9.09
CA LYS A 354 10.11 -7.72 9.39
C LYS A 354 8.63 -7.44 9.16
N PHE A 355 7.97 -6.90 10.18
CA PHE A 355 6.56 -6.57 10.13
C PHE A 355 6.33 -5.09 10.37
N HIS A 356 5.14 -4.62 10.04
CA HIS A 356 4.65 -3.33 10.52
C HIS A 356 3.96 -3.57 11.85
N ILE A 357 4.44 -2.92 12.91
CA ILE A 357 3.92 -3.12 14.25
C ILE A 357 3.24 -1.85 14.71
N THR A 358 1.94 -1.96 15.04
CA THR A 358 1.16 -0.87 15.61
C THR A 358 1.13 -1.01 17.11
N VAL A 359 1.89 -0.17 17.81
CA VAL A 359 1.92 -0.17 19.27
C VAL A 359 1.03 0.99 19.71
N GLY A 360 -0.22 0.69 20.01
CA GLY A 360 -1.18 1.71 20.32
C GLY A 360 -1.59 2.47 19.08
N HIS A 361 -1.13 3.71 18.97
CA HIS A 361 -1.58 4.60 17.91
C HIS A 361 -0.41 5.12 17.10
N GLU A 362 0.68 4.36 17.06
CA GLU A 362 1.87 4.68 16.28
C GLU A 362 2.41 3.38 15.74
N THR A 363 2.62 3.30 14.43
CA THR A 363 3.11 2.08 13.80
C THR A 363 4.55 2.26 13.39
N VAL A 364 5.34 1.19 13.50
CA VAL A 364 6.76 1.22 13.24
C VAL A 364 7.16 -0.18 12.81
N MET A 365 8.27 -0.28 12.11
CA MET A 365 8.77 -1.58 11.70
C MET A 365 9.56 -2.24 12.81
N GLY A 366 9.54 -3.57 12.81
CA GLY A 366 10.29 -4.34 13.79
C GLY A 366 10.56 -5.74 13.29
N ARG A 367 11.58 -6.36 13.87
CA ARG A 367 11.92 -7.75 13.61
C ARG A 367 11.48 -8.60 14.79
N LEU A 368 11.02 -9.80 14.50
CA LEU A 368 10.44 -10.64 15.54
C LEU A 368 11.30 -11.84 15.85
N MET A 369 11.19 -12.32 17.07
CA MET A 369 11.80 -13.57 17.50
C MET A 369 10.80 -14.28 18.39
N PHE A 370 10.18 -15.34 17.88
CA PHE A 370 9.14 -16.01 18.62
C PHE A 370 9.72 -17.01 19.58
N PHE A 371 8.92 -17.37 20.58
CA PHE A 371 9.30 -18.41 21.49
C PHE A 371 8.04 -18.89 22.19
N SER A 372 8.17 -19.96 22.95
CA SER A 372 7.01 -20.69 23.46
C SER A 372 7.37 -21.16 24.86
N PRO A 373 6.40 -21.73 25.59
CA PRO A 373 6.69 -22.18 26.95
C PRO A 373 7.67 -23.33 26.94
N ALA A 374 8.27 -23.58 28.10
CA ALA A 374 9.14 -24.71 28.25
C ALA A 374 8.10 -25.78 28.00
N PRO A 375 8.44 -26.82 27.24
CA PRO A 375 7.42 -27.83 26.91
C PRO A 375 6.77 -28.51 28.10
N ASP A 376 7.36 -28.36 29.29
CA ASP A 376 6.71 -28.80 30.52
C ASP A 376 5.50 -27.97 30.88
N ASN A 377 5.28 -26.84 30.20
CA ASN A 377 4.21 -25.91 30.57
C ASN A 377 3.46 -25.46 29.32
N PHE A 378 3.04 -26.40 28.48
CA PHE A 378 2.10 -26.01 27.44
C PHE A 378 0.71 -25.79 28.02
N ASP A 379 0.31 -26.65 28.96
CA ASP A 379 -1.00 -26.55 29.58
C ASP A 379 -1.10 -25.37 30.53
N GLN A 380 0.01 -24.69 30.82
CA GLN A 380 -0.03 -23.55 31.73
C GLN A 380 -0.98 -22.49 31.20
N GLU A 381 -1.69 -21.86 32.11
CA GLU A 381 -2.59 -20.77 31.80
C GLU A 381 -1.87 -19.69 31.00
N PRO A 382 -2.56 -18.99 30.11
CA PRO A 382 -1.97 -17.79 29.53
C PRO A 382 -1.99 -16.67 30.56
N ILE A 383 -0.93 -15.86 30.53
CA ILE A 383 -0.79 -14.69 31.39
C ILE A 383 -0.76 -13.48 30.47
N LEU A 384 -1.66 -12.55 30.70
CA LEU A 384 -1.82 -11.40 29.80
C LEU A 384 -1.45 -10.08 30.44
N ASP A 385 -1.14 -10.06 31.73
CA ASP A 385 -0.88 -8.82 32.45
C ASP A 385 0.55 -8.68 32.94
N SER A 386 1.38 -9.70 32.75
CA SER A 386 2.72 -9.72 33.29
C SER A 386 3.58 -10.63 32.43
N PHE A 387 4.86 -10.74 32.79
CA PHE A 387 5.74 -11.68 32.15
C PHE A 387 6.61 -12.34 33.21
N ASN A 388 6.65 -13.66 33.21
CA ASN A 388 7.39 -14.43 34.20
C ASN A 388 8.81 -14.65 33.69
N PHE A 389 9.79 -14.12 34.41
CA PHE A 389 11.19 -14.29 34.10
C PHE A 389 11.85 -15.39 34.91
N SER A 390 11.09 -16.05 35.79
CA SER A 390 11.60 -17.17 36.56
C SER A 390 11.55 -18.49 35.80
N GLN A 391 11.23 -18.45 34.51
CA GLN A 391 11.03 -19.64 33.72
C GLN A 391 11.89 -19.58 32.46
N GLU A 392 11.97 -20.73 31.81
CA GLU A 392 12.72 -20.89 30.58
C GLU A 392 11.77 -20.98 29.40
N TYR A 393 12.27 -20.64 28.24
CA TYR A 393 11.43 -20.46 27.08
C TYR A 393 12.11 -21.12 25.91
N LEU A 394 11.33 -21.76 25.08
CA LEU A 394 11.85 -22.48 23.93
C LEU A 394 11.84 -21.56 22.72
N PHE A 395 13.02 -21.24 22.22
CA PHE A 395 13.14 -20.54 20.94
C PHE A 395 12.25 -21.21 19.91
N GLN A 396 11.82 -20.45 18.91
CA GLN A 396 11.03 -21.00 17.82
C GLN A 396 11.30 -20.19 16.57
N GLU A 397 11.80 -20.82 15.53
CA GLU A 397 12.02 -20.12 14.28
C GLU A 397 10.74 -19.71 13.61
N GLN A 398 9.59 -19.99 14.20
CA GLN A 398 8.33 -19.78 13.53
C GLN A 398 7.24 -19.92 14.56
N TYR A 399 6.15 -19.19 14.35
CA TYR A 399 5.01 -19.30 15.24
C TYR A 399 4.30 -20.63 14.99
N LEU A 400 3.84 -21.26 16.06
CA LEU A 400 3.23 -22.58 16.01
C LEU A 400 1.73 -22.45 15.77
N SER A 401 1.30 -22.68 14.53
CA SER A 401 -0.10 -22.69 14.15
C SER A 401 -0.54 -24.13 13.85
N LYS A 402 -1.68 -24.53 14.41
CA LYS A 402 -2.17 -25.89 14.19
C LYS A 402 -2.45 -26.14 12.71
N GLY A 424 -0.12 -33.00 17.85
CA GLY A 424 0.77 -31.89 18.16
C GLY A 424 0.02 -30.62 18.49
N HIS A 425 -0.87 -30.69 19.49
CA HIS A 425 -1.64 -29.53 19.90
C HIS A 425 -0.70 -28.41 20.34
N CYS A 426 -0.91 -27.21 19.80
CA CYS A 426 -0.07 -26.04 20.01
C CYS A 426 -0.07 -25.61 21.48
N PRO A 427 0.73 -24.62 21.87
CA PRO A 427 0.68 -24.14 23.25
C PRO A 427 -0.43 -23.13 23.47
N ARG A 428 -0.82 -22.98 24.74
CA ARG A 428 -1.87 -22.04 25.08
C ARG A 428 -1.39 -20.60 24.99
N GLN A 429 -0.09 -20.35 25.05
CA GLN A 429 0.43 -18.99 24.96
C GLN A 429 1.78 -19.00 24.27
N GLN A 430 1.99 -18.05 23.38
CA GLN A 430 3.27 -17.83 22.73
C GLN A 430 3.64 -16.37 22.90
N TRP A 431 4.90 -16.04 22.60
CA TRP A 431 5.42 -14.70 22.79
C TRP A 431 6.28 -14.31 21.62
N ALA A 432 6.90 -13.14 21.71
CA ALA A 432 7.87 -12.69 20.73
C ALA A 432 8.65 -11.53 21.32
N LEU A 433 9.74 -11.19 20.65
CA LEU A 433 10.60 -10.08 21.01
C LEU A 433 10.63 -9.15 19.82
N VAL A 434 9.92 -8.02 19.92
CA VAL A 434 9.92 -7.02 18.87
C VAL A 434 11.09 -6.07 19.09
N GLU A 435 11.91 -5.91 18.08
CA GLU A 435 13.01 -4.97 18.10
C GLU A 435 12.67 -3.89 17.08
N PHE A 436 12.34 -2.71 17.57
CA PHE A 436 11.82 -1.67 16.71
C PHE A 436 12.96 -0.99 15.96
N GLU A 437 12.67 -0.54 14.75
CA GLU A 437 13.62 0.24 14.00
C GLU A 437 13.71 1.68 14.49
N LYS A 438 12.81 2.09 15.38
CA LYS A 438 12.79 3.43 15.94
C LYS A 438 12.04 3.36 17.24
N PRO A 439 12.34 4.23 18.21
CA PRO A 439 11.68 4.15 19.51
C PRO A 439 10.21 4.46 19.41
N VAL A 440 9.47 4.02 20.41
CA VAL A 440 8.01 4.13 20.42
C VAL A 440 7.58 4.48 21.84
N THR A 441 6.97 5.64 21.99
CA THR A 441 6.35 6.00 23.25
C THR A 441 4.95 5.41 23.25
N CYS A 442 4.61 4.71 24.31
CA CYS A 442 3.36 3.98 24.33
C CYS A 442 3.03 3.62 25.75
N PRO A 443 1.76 3.36 26.04
CA PRO A 443 1.37 2.99 27.39
C PRO A 443 1.81 1.56 27.71
N ARG A 444 1.68 1.23 28.98
CA ARG A 444 1.94 -0.12 29.42
C ARG A 444 0.72 -0.98 29.16
N LEU A 445 0.98 -2.23 28.76
CA LEU A 445 -0.07 -3.21 28.48
C LEU A 445 -0.96 -2.79 27.32
N CYS A 446 -0.44 -1.96 26.41
CA CYS A 446 -1.24 -1.56 25.26
C CYS A 446 -1.37 -2.74 24.31
N LEU A 447 -1.87 -2.49 23.13
CA LEU A 447 -2.28 -3.52 22.20
C LEU A 447 -1.41 -3.46 20.97
N VAL A 448 -0.84 -4.60 20.60
CA VAL A 448 0.14 -4.69 19.52
C VAL A 448 -0.50 -5.42 18.36
N ILE A 449 -0.24 -4.94 17.15
CA ILE A 449 -0.75 -5.56 15.93
C ILE A 449 0.37 -5.62 14.91
N GLY A 450 0.53 -6.77 14.25
CA GLY A 450 1.54 -6.94 13.23
C GLY A 450 0.87 -7.14 11.90
N SER A 451 1.55 -6.75 10.82
CA SER A 451 0.96 -6.79 9.49
C SER A 451 2.06 -6.79 8.45
N ARG A 452 1.66 -6.96 7.21
CA ARG A 452 2.54 -7.01 6.05
C ARG A 452 1.98 -6.04 5.03
N LEU A 453 2.40 -4.78 5.10
CA LEU A 453 1.80 -3.72 4.31
C LEU A 453 2.64 -3.28 3.13
N ASP A 454 3.95 -3.44 3.19
CA ASP A 454 4.78 -3.13 2.03
C ASP A 454 4.65 -4.25 0.99
N THR A 459 -1.49 -10.28 -3.11
CA THR A 459 -2.53 -9.44 -2.53
C THR A 459 -3.87 -10.17 -2.46
N ASN A 460 -4.94 -9.41 -2.24
CA ASN A 460 -6.30 -9.92 -2.12
C ASN A 460 -6.43 -10.96 -1.01
N THR A 461 -5.57 -10.89 0.00
CA THR A 461 -5.70 -11.66 1.22
C THR A 461 -5.52 -10.74 2.41
N CYS A 462 -5.73 -11.28 3.60
CA CYS A 462 -5.59 -10.51 4.81
C CYS A 462 -4.14 -10.13 5.04
N ARG A 463 -3.90 -8.84 5.28
CA ARG A 463 -2.55 -8.37 5.55
C ARG A 463 -2.24 -8.28 7.03
N LEU A 464 -3.21 -8.55 7.88
CA LEU A 464 -3.04 -8.47 9.33
C LEU A 464 -2.63 -9.84 9.86
N ALA A 465 -1.44 -9.91 10.45
CA ALA A 465 -0.79 -11.16 10.75
C ALA A 465 -1.06 -11.64 12.16
N PHE A 466 -0.83 -10.80 13.16
CA PHE A 466 -0.97 -11.22 14.54
C PHE A 466 -1.35 -10.02 15.40
N HIS A 467 -1.67 -10.29 16.66
CA HIS A 467 -1.98 -9.24 17.60
C HIS A 467 -1.59 -9.69 19.00
N GLY A 468 -1.50 -8.75 19.93
CA GLY A 468 -1.11 -9.12 21.26
C GLY A 468 -1.03 -7.93 22.20
N ILE A 469 -0.39 -8.17 23.34
CA ILE A 469 -0.29 -7.23 24.45
C ILE A 469 1.17 -6.88 24.67
N LEU A 470 1.44 -5.62 24.95
CA LEU A 470 2.80 -5.18 25.28
C LEU A 470 3.06 -5.54 26.72
N LEU A 471 3.68 -6.68 26.95
CA LEU A 471 3.85 -7.22 28.30
C LEU A 471 5.05 -6.67 29.02
N HIS A 472 6.07 -6.19 28.31
CA HIS A 472 7.23 -5.63 28.99
C HIS A 472 8.04 -4.83 27.98
N GLY A 473 8.09 -3.52 28.17
CA GLY A 473 8.88 -2.68 27.31
C GLY A 473 10.29 -2.50 27.81
N LEU A 474 11.22 -2.39 26.89
CA LEU A 474 12.64 -2.25 27.18
C LEU A 474 13.06 -0.83 26.86
N GLU A 475 13.22 -0.02 27.88
CA GLU A 475 13.47 1.40 27.68
C GLU A 475 14.93 1.73 27.42
N ASP A 476 15.86 0.92 27.91
CA ASP A 476 17.27 1.15 27.65
C ASP A 476 17.59 0.82 26.20
N ARG A 477 18.41 1.64 25.57
CA ARG A 477 18.83 1.38 24.21
C ARG A 477 19.90 0.30 24.14
N ASN A 478 20.47 -0.07 25.27
CA ASN A 478 21.40 -1.17 25.38
C ASN A 478 20.73 -2.37 26.04
N TYR A 479 19.46 -2.58 25.72
CA TYR A 479 18.71 -3.68 26.32
C TYR A 479 19.38 -5.01 26.02
N ALA A 480 20.02 -5.12 24.85
CA ALA A 480 20.70 -6.35 24.48
C ALA A 480 21.87 -6.64 25.40
N ASP A 481 22.58 -5.61 25.84
CA ASP A 481 23.67 -5.79 26.79
C ASP A 481 23.20 -5.69 28.24
N SER A 482 22.33 -4.72 28.52
CA SER A 482 21.93 -4.44 29.89
C SER A 482 20.80 -5.34 30.38
N PHE A 483 19.91 -5.77 29.53
CA PHE A 483 18.76 -6.42 30.15
C PHE A 483 18.46 -7.82 29.62
N LEU A 484 18.60 -8.07 28.32
CA LEU A 484 18.26 -9.36 27.76
C LEU A 484 18.81 -10.56 28.53
N PRO A 485 20.05 -10.54 29.07
CA PRO A 485 20.50 -11.65 29.93
C PRO A 485 19.49 -12.19 30.93
N ARG A 486 18.39 -11.50 31.17
CA ARG A 486 17.38 -12.01 32.08
C ARG A 486 16.40 -12.96 31.41
N LEU A 487 16.36 -12.98 30.08
CA LEU A 487 15.36 -13.72 29.31
C LEU A 487 15.92 -15.08 28.92
N LYS A 488 15.41 -16.14 29.54
CA LYS A 488 15.94 -17.49 29.39
C LYS A 488 15.31 -18.17 28.17
N VAL A 489 15.75 -17.73 27.00
CA VAL A 489 15.38 -18.35 25.74
C VAL A 489 16.57 -19.17 25.27
N TYR A 490 16.37 -20.48 25.13
CA TYR A 490 17.39 -21.39 24.66
C TYR A 490 16.94 -22.02 23.35
N LYS A 491 17.88 -22.13 22.41
CA LYS A 491 17.65 -22.97 21.24
C LYS A 491 18.05 -24.39 21.58
N LEU A 492 17.35 -25.34 20.99
CA LEU A 492 17.55 -26.76 21.30
C LEU A 492 18.34 -27.40 20.15
N LYS A 493 19.62 -27.65 20.38
CA LYS A 493 20.49 -28.13 19.32
C LYS A 493 20.75 -29.62 19.49
N HIS A 494 20.88 -30.30 18.35
CA HIS A 494 20.91 -31.76 18.33
C HIS A 494 21.65 -32.18 17.05
N LYS A 495 22.95 -32.41 17.18
CA LYS A 495 23.83 -32.56 16.03
C LYS A 495 24.26 -34.01 15.87
N HIS A 496 24.77 -34.33 14.68
CA HIS A 496 25.03 -35.70 14.26
C HIS A 496 26.42 -35.80 13.64
N GLY A 497 27.16 -36.83 14.04
CA GLY A 497 28.46 -37.09 13.44
C GLY A 497 28.75 -38.57 13.32
N LEU A 498 29.93 -38.88 12.78
CA LEU A 498 30.39 -40.24 12.55
C LEU A 498 31.55 -40.58 13.48
N VAL A 499 31.92 -41.85 13.50
CA VAL A 499 33.11 -42.32 14.21
C VAL A 499 34.09 -42.88 13.20
N GLU A 500 35.38 -42.60 13.41
CA GLU A 500 36.40 -43.06 12.47
C GLU A 500 37.13 -44.29 13.01
N ARG A 501 38.10 -44.09 13.89
CA ARG A 501 38.86 -45.20 14.45
C ARG A 501 38.46 -45.29 15.91
N ALA A 502 39.19 -46.13 16.64
CA ALA A 502 39.06 -46.38 18.05
C ALA A 502 40.54 -46.43 18.37
N MET A 503 40.98 -45.73 19.41
CA MET A 503 42.42 -45.73 19.66
C MET A 503 42.56 -46.67 20.85
N ASP A 504 41.50 -46.93 21.59
CA ASP A 504 41.57 -47.83 22.74
C ASP A 504 40.20 -48.44 22.94
N ASP A 505 40.08 -49.28 23.98
CA ASP A 505 38.77 -49.77 24.37
C ASP A 505 37.96 -48.69 25.08
N TYR A 506 38.61 -47.60 25.48
CA TYR A 506 37.96 -46.50 26.16
C TYR A 506 38.11 -45.18 25.44
N SER A 507 39.15 -45.03 24.61
CA SER A 507 39.21 -43.95 23.65
C SER A 507 38.19 -44.19 22.53
N VAL A 508 38.08 -43.22 21.64
CA VAL A 508 37.35 -43.25 20.37
C VAL A 508 37.72 -41.97 19.64
N ILE A 509 38.03 -42.04 18.35
CA ILE A 509 38.37 -40.85 17.58
C ILE A 509 37.32 -40.72 16.49
N GLY A 510 36.20 -40.05 16.79
CA GLY A 510 35.17 -39.79 15.83
C GLY A 510 35.19 -38.34 15.41
N ARG A 511 34.42 -38.02 14.36
CA ARG A 511 34.41 -36.67 13.84
C ARG A 511 33.37 -36.50 12.75
N SER A 512 33.44 -35.37 12.04
CA SER A 512 32.58 -35.06 10.90
C SER A 512 31.22 -34.59 11.42
N LEU A 513 31.23 -33.74 12.46
CA LEU A 513 29.98 -33.17 12.96
C LEU A 513 30.10 -31.67 13.24
N PHE A 514 31.29 -31.21 13.58
CA PHE A 514 31.55 -29.79 13.83
C PHE A 514 31.84 -29.06 12.53
N LYS A 515 31.90 -27.74 12.64
CA LYS A 515 32.18 -26.87 11.51
C LYS A 515 33.61 -26.36 11.61
N LYS A 516 33.95 -25.41 10.72
CA LYS A 516 35.25 -24.77 10.78
C LYS A 516 35.45 -23.96 12.06
N GLU A 517 34.37 -23.71 12.81
CA GLU A 517 34.48 -23.17 14.17
C GLU A 517 34.89 -24.29 15.12
N THR A 518 36.04 -24.90 14.83
CA THR A 518 36.55 -26.02 15.63
C THR A 518 37.04 -25.52 16.98
N ASN A 519 36.16 -24.89 17.74
CA ASN A 519 36.48 -24.47 19.10
C ASN A 519 36.24 -25.57 20.11
N ILE A 520 36.22 -26.81 19.62
CA ILE A 520 36.00 -28.06 20.35
C ILE A 520 36.40 -27.98 21.82
N GLN A 521 37.43 -27.19 22.13
CA GLN A 521 37.75 -26.91 23.52
C GLN A 521 36.55 -26.34 24.25
N LEU A 522 35.58 -25.78 23.52
CA LEU A 522 34.34 -25.32 24.13
C LEU A 522 33.46 -26.46 24.64
N PHE A 523 33.74 -27.71 24.28
CA PHE A 523 32.86 -28.83 24.62
C PHE A 523 33.58 -29.92 25.40
N VAL A 524 34.79 -29.64 25.88
CA VAL A 524 35.58 -30.67 26.55
C VAL A 524 34.96 -31.01 27.91
N GLY A 525 33.99 -31.91 27.90
CA GLY A 525 33.44 -32.40 29.14
C GLY A 525 31.97 -32.69 28.98
N LEU A 526 31.45 -32.42 27.78
CA LEU A 526 30.05 -32.61 27.51
C LEU A 526 29.75 -34.05 27.12
N LYS A 527 28.57 -34.51 27.51
CA LYS A 527 28.16 -35.88 27.26
C LYS A 527 27.68 -36.07 25.84
N VAL A 528 28.14 -37.14 25.20
CA VAL A 528 27.73 -37.49 23.84
C VAL A 528 27.25 -38.93 23.88
N HIS A 529 26.53 -39.32 22.83
CA HIS A 529 25.97 -40.67 22.77
C HIS A 529 26.21 -41.28 21.40
N LEU A 530 26.55 -42.57 21.39
CA LEU A 530 26.83 -43.28 20.16
C LEU A 530 25.67 -44.22 19.81
N SER A 531 25.57 -44.54 18.52
CA SER A 531 24.49 -45.39 18.03
C SER A 531 24.41 -46.69 18.82
N THR A 532 25.53 -47.15 19.35
CA THR A 532 25.52 -48.35 20.17
C THR A 532 24.79 -48.13 21.49
N GLY A 533 25.04 -47.04 22.18
CA GLY A 533 24.31 -46.77 23.40
C GLY A 533 25.20 -46.56 24.61
N GLU A 534 26.41 -46.08 24.39
CA GLU A 534 27.34 -45.77 25.46
C GLU A 534 27.57 -44.26 25.51
N LEU A 535 27.79 -43.78 26.72
CA LEU A 535 27.82 -42.35 27.02
C LEU A 535 29.26 -41.86 26.97
N GLY A 536 29.66 -41.32 25.83
CA GLY A 536 30.99 -40.77 25.72
C GLY A 536 31.08 -39.37 26.31
N ILE A 537 32.25 -39.05 26.85
CA ILE A 537 32.57 -37.72 27.35
C ILE A 537 33.65 -37.15 26.46
N ILE A 538 33.43 -35.95 25.93
CA ILE A 538 34.33 -35.41 24.93
C ILE A 538 35.67 -35.07 25.57
N ASP A 539 36.72 -35.14 24.74
CA ASP A 539 38.09 -34.81 25.13
C ASP A 539 38.58 -33.68 24.22
N SER A 540 39.89 -33.62 23.96
CA SER A 540 40.41 -32.58 23.09
C SER A 540 40.25 -32.95 21.61
N ALA A 541 40.73 -32.07 20.75
CA ALA A 541 40.71 -32.26 19.30
C ALA A 541 42.02 -32.85 18.81
N PHE A 542 41.99 -33.35 17.57
CA PHE A 542 43.15 -34.01 16.98
C PHE A 542 43.12 -33.89 15.47
N GLY A 543 42.84 -32.69 14.96
CA GLY A 543 42.80 -32.47 13.54
C GLY A 543 42.58 -31.01 13.16
N LYS A 547 37.31 -33.40 13.87
CA LYS A 547 38.34 -34.27 14.44
C LYS A 547 38.48 -33.97 15.92
N PHE A 548 38.40 -35.00 16.76
CA PHE A 548 38.47 -34.84 18.20
C PHE A 548 38.41 -36.22 18.84
N LYS A 549 38.73 -36.27 20.13
CA LYS A 549 38.79 -37.52 20.89
C LYS A 549 37.61 -37.63 21.83
N ILE A 550 37.35 -38.85 22.30
CA ILE A 550 36.24 -39.13 23.19
C ILE A 550 36.70 -40.14 24.22
N HIS A 551 36.12 -40.07 25.40
CA HIS A 551 36.35 -41.07 26.43
C HIS A 551 35.05 -41.82 26.65
N ILE A 552 35.14 -43.11 26.93
CA ILE A 552 33.95 -43.90 27.17
C ILE A 552 34.16 -44.69 28.46
N PRO A 553 33.83 -44.10 29.61
CA PRO A 553 34.09 -44.76 30.89
C PRO A 553 33.52 -46.15 30.99
N GLY A 554 32.43 -46.43 30.28
CA GLY A 554 31.85 -47.77 30.37
C GLY A 554 32.50 -48.83 29.51
N GLY A 555 33.48 -48.45 28.69
CA GLY A 555 34.06 -49.36 27.72
C GLY A 555 33.20 -49.56 26.49
N LEU A 556 33.80 -49.51 25.30
CA LEU A 556 33.04 -49.65 24.07
C LEU A 556 32.22 -50.93 24.09
N SER A 557 31.09 -50.90 23.41
CA SER A 557 30.34 -52.14 23.46
C SER A 557 30.91 -53.15 22.47
N PRO A 558 30.67 -54.44 22.71
CA PRO A 558 31.04 -55.46 21.71
C PRO A 558 30.61 -55.09 20.31
N GLU A 559 29.34 -54.68 20.15
CA GLU A 559 28.81 -54.30 18.84
C GLU A 559 29.66 -53.21 18.20
N SER A 560 30.20 -52.31 19.02
CA SER A 560 31.02 -51.22 18.50
C SER A 560 32.41 -51.71 18.13
N LYS A 561 32.98 -52.61 18.94
CA LYS A 561 34.33 -53.11 18.68
C LYS A 561 34.39 -53.77 17.31
N LYS A 562 33.36 -54.56 16.96
CA LYS A 562 33.29 -55.14 15.63
C LYS A 562 33.37 -54.09 14.54
N ILE A 563 32.85 -52.89 14.82
CA ILE A 563 32.82 -51.83 13.82
C ILE A 563 33.85 -50.77 14.16
N GLU A 590 29.23 -51.19 4.67
CA GLU A 590 29.73 -51.63 5.97
C GLU A 590 29.23 -50.72 7.10
N PRO A 591 28.68 -51.33 8.18
CA PRO A 591 28.16 -50.54 9.32
C PRO A 591 29.14 -49.47 9.82
N SER A 592 28.65 -48.48 10.61
CA SER A 592 29.43 -47.29 10.95
C SER A 592 29.32 -46.82 12.39
N GLN A 593 28.19 -46.99 13.07
CA GLN A 593 28.02 -46.52 14.45
C GLN A 593 28.04 -45.07 14.92
N HIS A 594 27.17 -44.22 14.37
CA HIS A 594 27.16 -42.78 14.60
C HIS A 594 27.05 -42.21 16.02
N VAL A 595 27.24 -40.89 16.12
CA VAL A 595 27.17 -40.14 17.38
C VAL A 595 26.10 -39.07 17.30
N VAL A 596 25.63 -38.64 18.48
CA VAL A 596 24.64 -37.56 18.61
C VAL A 596 24.90 -36.75 19.87
N LEU A 597 24.85 -35.41 19.73
CA LEU A 597 25.06 -34.48 20.83
C LEU A 597 23.82 -33.64 21.08
N SER A 598 23.49 -33.43 22.36
CA SER A 598 22.32 -32.67 22.78
C SER A 598 22.71 -31.53 23.72
N LEU A 599 22.66 -30.31 23.23
CA LEU A 599 22.95 -29.11 24.01
C LEU A 599 21.79 -28.12 23.89
N THR A 600 21.63 -27.28 24.91
CA THR A 600 20.76 -26.11 24.87
C THR A 600 21.62 -24.87 24.74
N PHE A 601 21.35 -24.06 23.73
CA PHE A 601 22.08 -22.83 23.43
C PHE A 601 21.18 -21.66 23.82
N LYS A 602 21.43 -21.06 24.98
CA LYS A 602 20.64 -19.90 25.38
C LYS A 602 21.05 -18.69 24.56
N ARG A 603 20.05 -18.04 23.94
CA ARG A 603 20.34 -17.04 22.92
C ARG A 603 20.99 -15.81 23.51
N TYR A 604 20.62 -15.45 24.73
CA TYR A 604 21.19 -14.28 25.40
C TYR A 604 21.70 -14.63 26.79
N VAL A 605 20.90 -15.42 27.53
CA VAL A 605 21.27 -15.82 28.88
C VAL A 605 22.72 -16.29 28.93
N PHE A 606 22.96 -17.52 28.49
CA PHE A 606 24.31 -18.08 28.49
C PHE A 606 25.19 -17.40 27.45
N ASP A 607 24.58 -16.56 26.62
CA ASP A 607 25.31 -15.84 25.58
C ASP A 607 26.54 -15.14 26.15
N THR A 608 26.36 -14.47 27.28
CA THR A 608 27.46 -13.76 27.92
C THR A 608 28.73 -14.58 27.95
N HIS A 609 28.62 -15.90 27.80
CA HIS A 609 29.74 -16.84 27.78
C HIS A 609 29.85 -17.52 26.41
N LYS A 610 30.78 -18.45 26.32
CA LYS A 610 30.99 -19.19 25.09
C LYS A 610 30.52 -20.63 25.17
N ARG A 611 30.33 -21.18 26.37
CA ARG A 611 29.93 -22.56 26.55
C ARG A 611 28.42 -22.70 26.60
N MET A 612 27.94 -23.89 26.22
CA MET A 612 26.53 -24.19 26.15
C MET A 612 26.11 -24.92 27.43
N VAL A 613 24.88 -25.42 27.47
CA VAL A 613 24.31 -26.05 28.65
C VAL A 613 23.79 -27.43 28.26
N GLN A 614 23.89 -28.38 29.18
CA GLN A 614 23.47 -29.75 28.89
C GLN A 614 22.33 -30.20 29.78
N SER A 615 22.48 -30.14 31.09
CA SER A 615 21.48 -30.60 32.07
C SER A 615 21.38 -32.12 32.08
N ALA B 22 -5.02 43.45 -23.22
CA ALA B 22 -3.61 43.47 -23.62
C ALA B 22 -3.45 43.02 -25.07
N GLY B 23 -2.24 42.57 -25.41
CA GLY B 23 -1.96 42.01 -26.71
C GLY B 23 -2.12 40.50 -26.72
N ARG B 24 -1.66 39.89 -27.81
CA ARG B 24 -1.73 38.44 -27.95
C ARG B 24 -1.13 37.76 -26.72
N ARG B 25 -1.24 36.44 -26.65
CA ARG B 25 -0.69 35.71 -25.52
C ARG B 25 -0.70 34.19 -25.69
N VAL B 26 0.48 33.60 -25.56
CA VAL B 26 0.66 32.17 -25.65
C VAL B 26 0.54 31.62 -24.25
N ASN B 27 -0.08 30.45 -24.13
CA ASN B 27 -0.24 29.81 -22.84
C ASN B 27 0.66 28.60 -22.78
N VAL B 28 1.29 28.41 -21.62
CA VAL B 28 2.11 27.26 -21.33
C VAL B 28 1.71 26.72 -19.97
N ASN B 29 1.51 25.41 -19.87
CA ASN B 29 1.15 24.77 -18.62
C ASN B 29 2.41 24.22 -17.95
N VAL B 30 2.57 24.53 -16.67
CA VAL B 30 3.77 24.20 -15.91
C VAL B 30 3.32 23.64 -14.57
N GLY B 31 3.84 22.48 -14.20
CA GLY B 31 3.35 21.78 -13.03
C GLY B 31 4.20 21.94 -11.78
N VAL B 32 3.55 21.87 -10.63
CA VAL B 32 4.25 21.92 -9.36
C VAL B 32 4.07 20.56 -8.71
N LEU B 33 5.10 19.74 -8.73
CA LEU B 33 5.09 18.40 -8.15
C LEU B 33 6.06 18.35 -6.99
N GLY B 34 5.91 17.35 -6.15
CA GLY B 34 6.80 17.18 -5.02
C GLY B 34 6.17 16.34 -3.94
N HIS B 35 6.97 16.02 -2.94
CA HIS B 35 6.51 15.28 -1.77
C HIS B 35 5.53 16.14 -0.98
N ILE B 36 4.87 15.52 -0.01
CA ILE B 36 3.88 16.22 0.78
C ILE B 36 4.57 17.27 1.62
N ASP B 37 4.00 18.47 1.64
CA ASP B 37 4.39 19.60 2.49
C ASP B 37 5.68 20.27 2.05
N SER B 38 6.13 20.02 0.84
CA SER B 38 7.36 20.66 0.35
C SER B 38 7.17 22.14 0.09
N GLY B 39 5.95 22.62 -0.01
CA GLY B 39 5.67 24.02 -0.26
C GLY B 39 5.15 24.30 -1.65
N LYS B 40 4.49 23.32 -2.28
CA LYS B 40 4.09 23.48 -3.68
C LYS B 40 3.01 24.53 -3.84
N THR B 41 2.01 24.54 -2.96
CA THR B 41 0.95 25.54 -3.06
C THR B 41 1.46 26.91 -2.65
N ALA B 42 2.26 26.97 -1.58
CA ALA B 42 2.92 28.21 -1.19
C ALA B 42 3.71 28.81 -2.33
N LEU B 43 4.45 27.97 -3.05
CA LEU B 43 5.30 28.43 -4.15
C LEU B 43 4.51 28.84 -5.38
N ALA B 44 3.42 28.14 -5.69
CA ALA B 44 2.56 28.59 -6.79
C ALA B 44 1.93 29.92 -6.47
N ARG B 45 1.70 30.21 -5.19
CA ARG B 45 1.11 31.48 -4.83
C ARG B 45 2.14 32.59 -4.89
N ALA B 46 3.33 32.33 -4.40
CA ALA B 46 4.37 33.34 -4.47
C ALA B 46 4.75 33.65 -5.91
N LEU B 47 4.79 32.66 -6.78
CA LEU B 47 5.03 32.93 -8.19
C LEU B 47 3.92 33.77 -8.81
N SER B 48 2.68 33.47 -8.49
CA SER B 48 1.51 34.05 -9.13
C SER B 48 1.13 35.41 -8.53
N THR B 49 1.90 35.90 -7.56
CA THR B 49 1.83 37.26 -7.05
C THR B 49 3.03 38.12 -7.40
N THR B 50 4.25 37.57 -7.34
CA THR B 50 5.44 38.35 -7.70
C THR B 50 5.34 38.91 -9.11
N ALA B 51 4.66 38.22 -10.01
CA ALA B 51 4.47 38.73 -11.36
C ALA B 51 3.57 39.95 -11.44
N SER B 52 3.11 40.50 -10.31
CA SER B 52 2.31 41.72 -10.32
C SER B 52 3.16 42.92 -9.92
N ARG B 65 -6.17 27.74 1.93
CA ARG B 65 -6.55 26.39 2.32
C ARG B 65 -5.35 25.62 2.90
N GLY B 66 -5.38 24.29 2.80
CA GLY B 66 -4.32 23.44 3.32
C GLY B 66 -3.93 22.37 2.34
N ILE B 67 -4.11 21.11 2.72
CA ILE B 67 -3.72 19.97 1.89
C ILE B 67 -4.38 20.04 0.53
N THR B 68 -3.59 19.82 -0.51
CA THR B 68 -4.13 19.82 -1.86
C THR B 68 -4.70 18.44 -2.18
N LEU B 69 -5.95 18.41 -2.63
CA LEU B 69 -6.66 17.19 -2.95
C LEU B 69 -6.96 17.04 -4.43
N ASP B 70 -6.71 18.06 -5.23
CA ASP B 70 -6.84 17.93 -6.68
C ASP B 70 -6.07 19.08 -7.32
N LEU B 71 -5.83 18.96 -8.61
CA LEU B 71 -5.09 19.95 -9.36
C LEU B 71 -5.64 21.36 -9.16
N GLY B 72 -4.81 22.26 -8.63
CA GLY B 72 -5.12 23.67 -8.65
C GLY B 72 -4.59 24.34 -9.91
N PHE B 73 -5.20 25.44 -10.29
CA PHE B 73 -4.80 26.17 -11.49
C PHE B 73 -4.64 27.64 -11.14
N SER B 74 -3.39 28.10 -11.07
CA SER B 74 -3.03 29.50 -10.94
C SER B 74 -2.60 29.97 -12.31
N CYS B 75 -2.29 31.25 -12.41
CA CYS B 75 -1.89 31.80 -13.70
C CYS B 75 -1.24 33.16 -13.58
N PHE B 76 -0.21 33.36 -14.39
CA PHE B 76 0.52 34.62 -14.40
C PHE B 76 1.16 34.80 -15.75
N SER B 77 1.38 36.05 -16.12
CA SER B 77 1.84 36.39 -17.45
C SER B 77 3.15 37.17 -17.36
N VAL B 78 3.95 37.05 -18.40
CA VAL B 78 5.31 37.59 -18.45
C VAL B 78 5.56 37.96 -19.89
N PRO B 79 6.28 39.05 -20.17
CA PRO B 79 6.41 39.48 -21.56
C PRO B 79 7.01 38.38 -22.41
N LEU B 80 6.54 38.31 -23.63
CA LEU B 80 6.80 37.17 -24.47
C LEU B 80 8.24 37.14 -24.94
N PRO B 81 9.00 36.08 -24.64
CA PRO B 81 10.31 35.93 -25.25
C PRO B 81 10.25 36.03 -26.77
N ALA B 82 11.32 36.51 -27.38
CA ALA B 82 11.35 36.58 -28.82
C ALA B 82 11.60 35.23 -29.46
N ARG B 83 12.10 34.27 -28.70
CA ARG B 83 12.29 32.93 -29.24
C ARG B 83 10.97 32.19 -29.42
N LEU B 84 9.88 32.70 -28.86
CA LEU B 84 8.56 32.11 -29.01
C LEU B 84 7.63 33.04 -29.77
N ARG B 85 8.18 33.91 -30.63
CA ARG B 85 7.32 34.79 -31.42
C ARG B 85 6.39 33.98 -32.30
N SER B 86 6.91 32.94 -32.96
CA SER B 86 6.08 31.98 -33.65
C SER B 86 5.19 31.25 -32.63
N SER B 87 4.27 30.43 -33.14
CA SER B 87 3.27 29.77 -32.31
C SER B 87 2.48 30.80 -31.51
N LEU B 88 1.73 31.60 -32.26
CA LEU B 88 1.01 32.72 -31.67
C LEU B 88 -0.15 33.13 -32.57
N PRO B 101 -0.54 46.04 -31.81
CA PRO B 101 -1.37 46.99 -31.07
C PRO B 101 -1.29 46.78 -29.56
N GLY B 102 -0.22 46.12 -29.13
CA GLY B 102 -0.05 45.70 -27.75
C GLY B 102 1.08 44.71 -27.66
N GLU B 103 1.94 44.87 -26.66
CA GLU B 103 3.11 44.02 -26.55
C GLU B 103 2.70 42.61 -26.18
N PRO B 104 3.08 41.59 -26.96
CA PRO B 104 2.64 40.23 -26.66
C PRO B 104 3.11 39.76 -25.30
N LEU B 105 2.45 38.72 -24.79
CA LEU B 105 2.67 38.19 -23.46
C LEU B 105 2.83 36.69 -23.54
N LEU B 106 3.40 36.11 -22.51
CA LEU B 106 3.46 34.65 -22.34
C LEU B 106 2.73 34.32 -21.05
N GLN B 107 1.72 33.47 -21.14
CA GLN B 107 0.96 33.11 -19.96
C GLN B 107 1.41 31.75 -19.48
N VAL B 108 1.76 31.68 -18.21
CA VAL B 108 2.20 30.46 -17.56
C VAL B 108 1.06 29.98 -16.70
N THR B 109 0.51 28.82 -16.99
CA THR B 109 -0.57 28.28 -16.19
C THR B 109 0.05 27.26 -15.26
N LEU B 110 0.06 27.55 -13.98
CA LEU B 110 0.63 26.66 -12.98
C LEU B 110 -0.37 25.58 -12.63
N VAL B 111 0.02 24.32 -12.82
CA VAL B 111 -0.77 23.15 -12.47
C VAL B 111 -0.23 22.64 -11.15
N ASP B 112 -0.92 22.93 -10.06
CA ASP B 112 -0.46 22.62 -8.70
C ASP B 112 -0.96 21.23 -8.30
N CYS B 113 -0.06 20.26 -8.31
CA CYS B 113 -0.44 18.88 -8.00
C CYS B 113 -0.47 18.61 -6.51
N PRO B 114 -1.25 17.63 -6.08
CA PRO B 114 -1.17 17.20 -4.68
C PRO B 114 0.13 16.50 -4.39
N GLY B 115 0.34 16.21 -3.12
CA GLY B 115 1.56 15.59 -2.68
C GLY B 115 1.31 14.33 -1.91
N HIS B 116 0.11 14.21 -1.33
CA HIS B 116 -0.25 13.02 -0.59
C HIS B 116 -0.06 11.79 -1.47
N ALA B 117 0.25 10.66 -0.83
CA ALA B 117 0.64 9.46 -1.58
C ALA B 117 -0.54 8.75 -2.22
N SER B 118 -1.72 8.74 -1.58
CA SER B 118 -2.93 8.11 -2.13
C SER B 118 -3.54 8.87 -3.25
N LEU B 119 -2.99 10.03 -3.60
CA LEU B 119 -3.49 10.84 -4.68
C LEU B 119 -2.54 10.83 -5.86
N ILE B 120 -1.66 9.83 -5.92
CA ILE B 120 -0.68 9.71 -6.99
C ILE B 120 -1.34 9.61 -8.35
N ARG B 121 -2.54 9.04 -8.43
CA ARG B 121 -3.26 8.97 -9.69
C ARG B 121 -3.57 10.34 -10.26
N THR B 122 -3.81 11.31 -9.39
CA THR B 122 -4.02 12.67 -9.86
C THR B 122 -2.72 13.25 -10.40
N ILE B 123 -1.61 12.93 -9.75
CA ILE B 123 -0.30 13.42 -10.17
C ILE B 123 0.06 12.87 -11.55
N ILE B 124 -0.22 11.58 -11.78
CA ILE B 124 0.07 11.02 -13.09
C ILE B 124 -0.74 11.71 -14.17
N GLY B 125 -1.94 12.20 -13.84
CA GLY B 125 -2.70 12.93 -14.83
C GLY B 125 -2.16 14.33 -15.07
N GLY B 126 -1.82 15.04 -13.99
CA GLY B 126 -1.27 16.37 -14.14
C GLY B 126 -0.01 16.42 -14.96
N ALA B 127 0.81 15.38 -14.88
CA ALA B 127 2.06 15.36 -15.61
C ALA B 127 1.87 15.21 -17.11
N GLN B 128 0.65 14.95 -17.59
CA GLN B 128 0.38 14.84 -19.00
C GLN B 128 -0.33 16.06 -19.56
N ILE B 129 -0.51 17.06 -18.69
CA ILE B 129 -1.09 18.32 -19.09
C ILE B 129 -0.04 19.42 -18.89
N ILE B 130 1.24 19.07 -18.87
CA ILE B 130 2.26 20.08 -18.68
C ILE B 130 3.43 19.87 -19.64
N ASP B 131 4.09 21.00 -19.96
CA ASP B 131 5.26 21.08 -20.83
C ASP B 131 6.57 21.07 -20.06
N LEU B 132 6.53 21.52 -18.81
CA LEU B 132 7.70 21.59 -17.95
C LEU B 132 7.24 21.27 -16.54
N MET B 133 8.14 20.74 -15.73
CA MET B 133 7.80 20.26 -14.40
C MET B 133 8.79 20.82 -13.39
N MET B 134 8.29 21.53 -12.38
CA MET B 134 9.08 21.89 -11.21
C MET B 134 8.95 20.81 -10.16
N LEU B 135 10.06 20.17 -9.81
CA LEU B 135 10.10 19.28 -8.68
C LEU B 135 10.49 20.10 -7.46
N VAL B 136 9.61 20.19 -6.48
CA VAL B 136 9.81 21.00 -5.30
C VAL B 136 10.39 20.13 -4.20
N ILE B 137 11.49 20.59 -3.61
CA ILE B 137 12.23 19.84 -2.61
C ILE B 137 12.33 20.68 -1.35
N ASP B 138 12.14 20.04 -0.20
CA ASP B 138 12.40 20.67 1.08
C ASP B 138 13.89 20.54 1.36
N VAL B 139 14.61 21.65 1.36
CA VAL B 139 16.07 21.63 1.47
C VAL B 139 16.53 20.91 2.71
N THR B 140 15.78 21.01 3.79
CA THR B 140 16.21 20.36 5.01
C THR B 140 15.94 18.86 5.00
N LYS B 141 15.30 18.34 3.94
CA LYS B 141 14.95 16.93 3.83
C LYS B 141 15.35 16.28 2.53
N GLY B 142 15.56 17.03 1.46
CA GLY B 142 16.01 16.42 0.24
C GLY B 142 14.95 15.53 -0.39
N MET B 143 15.40 14.44 -0.99
CA MET B 143 14.53 13.58 -1.78
C MET B 143 13.72 12.67 -0.84
N GLN B 144 12.43 12.92 -0.77
CA GLN B 144 11.55 12.05 -0.01
C GLN B 144 10.89 11.06 -0.95
N THR B 145 10.03 10.21 -0.40
CA THR B 145 9.48 9.09 -1.16
C THR B 145 8.79 9.55 -2.43
N GLN B 146 7.83 10.46 -2.30
CA GLN B 146 7.07 10.96 -3.43
C GLN B 146 7.85 11.94 -4.29
N SER B 147 9.01 12.42 -3.83
CA SER B 147 9.91 13.15 -4.70
C SER B 147 10.49 12.21 -5.73
N ALA B 148 10.90 11.02 -5.29
CA ALA B 148 11.40 10.01 -6.21
C ALA B 148 10.34 9.56 -7.19
N GLU B 149 9.11 9.34 -6.71
CA GLU B 149 8.06 8.89 -7.61
C GLU B 149 7.66 9.96 -8.61
N CYS B 150 7.75 11.22 -8.24
CA CYS B 150 7.41 12.28 -9.18
C CYS B 150 8.50 12.49 -10.19
N LEU B 151 9.75 12.21 -9.84
CA LEU B 151 10.81 12.31 -10.82
C LEU B 151 10.67 11.23 -11.87
N VAL B 152 10.24 10.04 -11.45
CA VAL B 152 9.95 8.95 -12.38
C VAL B 152 8.92 9.38 -13.41
N ILE B 153 7.79 9.92 -12.94
CA ILE B 153 6.73 10.32 -13.83
C ILE B 153 7.22 11.37 -14.81
N GLY B 154 8.08 12.27 -14.35
CA GLY B 154 8.59 13.31 -15.23
C GLY B 154 9.48 12.76 -16.32
N GLN B 155 10.26 11.72 -16.00
CA GLN B 155 10.98 10.97 -17.02
C GLN B 155 10.02 10.43 -18.07
N ILE B 156 8.94 9.82 -17.61
CA ILE B 156 7.95 9.21 -18.50
C ILE B 156 6.90 10.14 -19.10
N ALA B 157 6.87 11.39 -18.70
CA ALA B 157 5.87 12.27 -19.28
C ALA B 157 6.25 13.69 -19.59
N CYS B 158 7.37 14.18 -19.09
CA CYS B 158 7.71 15.56 -19.35
C CYS B 158 8.94 15.66 -20.24
N GLN B 159 9.09 16.83 -20.83
CA GLN B 159 10.22 17.15 -21.69
C GLN B 159 11.32 17.90 -20.97
N LYS B 160 11.00 18.80 -20.04
CA LYS B 160 11.98 19.55 -19.28
C LYS B 160 11.58 19.59 -17.81
N LEU B 161 12.56 19.93 -16.97
CA LEU B 161 12.47 19.86 -15.53
C LEU B 161 13.22 21.03 -14.90
N VAL B 162 12.79 21.43 -13.71
CA VAL B 162 13.44 22.44 -12.89
C VAL B 162 13.31 22.00 -11.44
N VAL B 163 14.41 21.77 -10.78
CA VAL B 163 14.37 21.41 -9.36
C VAL B 163 14.37 22.68 -8.52
N VAL B 164 13.50 22.73 -7.53
CA VAL B 164 13.32 23.89 -6.69
C VAL B 164 13.56 23.48 -5.25
N LEU B 165 14.51 24.14 -4.59
CA LEU B 165 14.84 23.87 -3.21
C LEU B 165 14.16 24.92 -2.33
N ASN B 166 13.13 24.52 -1.62
CA ASN B 166 12.28 25.40 -0.84
C ASN B 166 12.67 25.32 0.63
N LYS B 167 12.13 26.24 1.43
CA LYS B 167 12.37 26.30 2.87
C LYS B 167 13.80 26.68 3.18
N ILE B 168 14.37 27.53 2.34
CA ILE B 168 15.72 28.03 2.53
C ILE B 168 15.86 28.79 3.84
N ASP B 169 14.81 29.48 4.28
CA ASP B 169 14.90 30.19 5.54
C ASP B 169 15.23 29.24 6.69
N LEU B 170 14.69 28.06 6.65
CA LEU B 170 14.92 27.07 7.70
C LEU B 170 16.36 26.69 7.88
N LEU B 171 17.32 27.23 7.18
CA LEU B 171 18.71 26.91 7.44
C LEU B 171 19.35 27.98 8.31
N PRO B 172 20.35 27.62 9.12
CA PRO B 172 21.10 28.64 9.85
C PRO B 172 22.18 29.25 8.97
N GLU B 173 22.37 30.57 9.11
CA GLU B 173 23.14 31.31 8.12
C GLU B 173 24.59 30.85 8.05
N GLY B 174 25.19 30.43 9.16
CA GLY B 174 26.57 29.96 9.12
C GLY B 174 26.75 28.78 8.20
N LYS B 175 25.79 27.86 8.21
CA LYS B 175 25.84 26.68 7.36
C LYS B 175 24.88 26.75 6.17
N ARG B 176 24.14 27.85 6.00
CA ARG B 176 23.09 27.89 5.00
C ARG B 176 23.65 27.69 3.59
N GLN B 177 24.47 28.62 3.13
CA GLN B 177 24.98 28.53 1.77
C GLN B 177 25.90 27.32 1.57
N ALA B 178 26.42 26.77 2.65
CA ALA B 178 27.07 25.47 2.54
C ALA B 178 26.03 24.40 2.24
N ALA B 179 24.97 24.34 3.05
CA ALA B 179 23.96 23.30 2.93
C ALA B 179 23.29 23.33 1.55
N ILE B 180 22.93 24.51 1.07
CA ILE B 180 22.39 24.66 -0.27
C ILE B 180 23.31 23.98 -1.28
N ASP B 181 24.59 24.36 -1.26
CA ASP B 181 25.53 23.79 -2.22
C ASP B 181 25.72 22.29 -2.01
N LYS B 182 25.62 21.81 -0.76
CA LYS B 182 25.66 20.38 -0.54
C LYS B 182 24.42 19.69 -1.11
N MET B 183 23.24 20.24 -0.82
CA MET B 183 22.00 19.70 -1.38
C MET B 183 21.98 19.83 -2.89
N THR B 184 22.39 20.99 -3.41
CA THR B 184 22.46 21.18 -4.84
C THR B 184 23.22 20.05 -5.52
N LYS B 185 24.33 19.61 -4.93
CA LYS B 185 25.18 18.63 -5.59
C LYS B 185 24.65 17.21 -5.47
N LYS B 186 23.75 16.93 -4.54
CA LYS B 186 23.13 15.62 -4.48
C LYS B 186 21.98 15.49 -5.46
N MET B 187 21.41 16.60 -5.91
CA MET B 187 20.42 16.53 -6.97
C MET B 187 21.08 16.38 -8.32
N GLN B 188 22.23 17.04 -8.53
CA GLN B 188 22.93 16.88 -9.80
C GLN B 188 23.35 15.44 -10.03
N LYS B 189 23.67 14.71 -8.97
CA LYS B 189 24.06 13.32 -9.11
C LYS B 189 22.87 12.48 -9.50
N THR B 190 21.84 12.41 -8.65
CA THR B 190 20.69 11.59 -8.94
C THR B 190 19.93 12.03 -10.18
N LEU B 191 20.24 13.25 -10.62
CA LEU B 191 19.68 13.80 -11.84
C LEU B 191 20.40 13.17 -13.03
N GLU B 192 21.67 12.77 -12.85
CA GLU B 192 22.38 12.17 -13.95
C GLU B 192 21.74 10.82 -14.21
N ASN B 193 22.21 10.13 -15.25
CA ASN B 193 21.65 8.89 -15.79
C ASN B 193 20.20 9.02 -16.24
N THR B 194 19.67 10.24 -16.27
CA THR B 194 18.31 10.47 -16.72
C THR B 194 18.29 11.55 -17.78
N LYS B 195 17.15 11.72 -18.44
CA LYS B 195 17.00 12.69 -19.52
C LYS B 195 17.06 14.13 -19.05
N PHE B 196 17.09 14.35 -17.73
CA PHE B 196 17.14 15.69 -17.18
C PHE B 196 18.54 15.98 -16.64
N ARG B 197 19.56 15.68 -17.42
CA ARG B 197 20.92 15.86 -16.93
C ARG B 197 21.23 17.33 -16.71
N GLY B 198 20.85 18.18 -17.65
CA GLY B 198 21.09 19.60 -17.49
C GLY B 198 19.89 20.35 -16.98
N ALA B 199 19.44 20.02 -15.76
CA ALA B 199 18.27 20.67 -15.22
C ALA B 199 18.66 21.63 -14.11
N PRO B 200 18.11 22.83 -14.10
CA PRO B 200 18.52 23.85 -13.13
C PRO B 200 18.00 23.56 -11.74
N ILE B 201 18.70 24.10 -10.75
CA ILE B 201 18.40 23.90 -9.33
C ILE B 201 18.49 25.26 -8.62
N ILE B 202 17.36 25.79 -8.17
CA ILE B 202 17.30 27.13 -7.59
C ILE B 202 16.91 27.00 -6.14
N PRO B 203 17.47 27.80 -5.24
CA PRO B 203 16.98 27.82 -3.87
C PRO B 203 15.95 28.93 -3.73
N VAL B 204 14.94 28.68 -2.91
CA VAL B 204 13.89 29.67 -2.73
C VAL B 204 13.03 29.35 -1.53
N ALA B 205 12.54 30.40 -0.87
CA ALA B 205 11.70 30.23 0.31
C ALA B 205 10.39 30.94 -0.01
N ALA B 206 9.31 30.18 -0.08
CA ALA B 206 8.04 30.73 -0.55
C ALA B 206 7.12 31.18 0.58
N LYS B 207 7.33 30.67 1.78
CA LYS B 207 6.68 31.19 2.97
C LYS B 207 7.68 31.12 4.10
N PRO B 208 8.65 32.04 4.13
CA PRO B 208 9.63 32.02 5.22
C PRO B 208 8.92 32.23 6.54
N GLY B 209 9.29 31.44 7.54
CA GLY B 209 8.59 31.46 8.81
C GLY B 209 7.35 30.59 8.83
N GLY B 210 7.30 29.68 9.79
CA GLY B 210 6.15 28.83 9.98
C GLY B 210 4.87 29.62 10.12
N PRO B 211 3.73 28.97 9.91
CA PRO B 211 2.45 29.66 9.82
C PRO B 211 1.89 30.03 11.20
N GLU B 215 6.31 37.29 10.68
CA GLU B 215 4.89 37.22 10.40
C GLU B 215 4.59 37.82 9.05
N THR B 216 4.23 36.97 8.08
CA THR B 216 3.91 37.39 6.71
C THR B 216 5.13 38.04 6.04
N GLU B 217 6.26 37.35 6.12
CA GLU B 217 7.51 37.86 5.56
C GLU B 217 7.43 37.92 4.03
N ALA B 218 8.51 38.22 3.44
CA ALA B 218 8.60 38.23 2.00
C ALA B 218 9.22 36.94 1.49
N PRO B 219 8.79 36.48 0.32
CA PRO B 219 9.38 35.27 -0.26
C PRO B 219 10.75 35.53 -0.87
N GLN B 220 11.69 34.66 -0.56
CA GLN B 220 13.07 34.81 -0.98
C GLN B 220 13.33 34.07 -2.28
N GLY B 221 13.76 34.77 -3.30
CA GLY B 221 14.14 34.17 -4.56
C GLY B 221 13.16 33.91 -5.66
N ILE B 222 12.00 34.53 -5.64
CA ILE B 222 11.01 34.28 -6.66
C ILE B 222 11.23 34.91 -8.01
N PRO B 223 11.62 36.24 -8.01
CA PRO B 223 11.80 36.81 -9.35
C PRO B 223 12.80 36.08 -10.21
N GLU B 224 13.81 35.48 -9.62
CA GLU B 224 14.82 34.74 -10.34
C GLU B 224 14.27 33.44 -10.90
N LEU B 225 13.38 32.79 -10.15
CA LEU B 225 12.70 31.61 -10.65
C LEU B 225 11.82 31.94 -11.85
N ILE B 226 11.15 33.08 -11.81
CA ILE B 226 10.37 33.54 -12.95
C ILE B 226 11.24 33.81 -14.16
N GLU B 227 12.39 34.41 -13.95
CA GLU B 227 13.29 34.62 -15.08
C GLU B 227 13.87 33.32 -15.56
N LEU B 228 14.02 32.34 -14.67
CA LEU B 228 14.55 31.07 -15.09
C LEU B 228 13.53 30.31 -15.92
N LEU B 229 12.33 30.12 -15.37
CA LEU B 229 11.23 29.53 -16.12
C LEU B 229 11.04 30.22 -17.46
N THR B 230 11.15 31.54 -17.50
CA THR B 230 10.91 32.25 -18.76
C THR B 230 11.89 31.83 -19.85
N SER B 231 13.11 31.48 -19.48
CA SER B 231 14.11 31.03 -20.44
C SER B 231 14.17 29.52 -20.62
N GLN B 232 13.65 28.75 -19.69
CA GLN B 232 13.69 27.30 -19.84
C GLN B 232 12.52 26.71 -20.59
N ILE B 233 11.40 27.39 -20.56
CA ILE B 233 10.22 26.93 -21.24
C ILE B 233 10.56 26.65 -22.65
N SER B 234 9.87 25.67 -23.25
CA SER B 234 10.12 25.29 -24.63
C SER B 234 8.89 24.63 -25.24
N ILE B 235 8.39 25.21 -26.33
CA ILE B 235 7.23 24.68 -27.02
C ILE B 235 7.63 23.76 -28.17
N PRO B 236 6.90 22.59 -28.29
CA PRO B 236 7.31 21.73 -29.41
C PRO B 236 6.40 21.89 -30.61
N THR B 237 6.26 23.12 -31.09
CA THR B 237 5.41 23.41 -32.24
C THR B 237 4.01 22.83 -32.06
N ARG B 238 3.13 23.60 -31.44
CA ARG B 238 1.76 23.17 -31.20
C ARG B 238 1.01 22.93 -32.52
N ASP B 239 0.99 21.69 -32.97
CA ASP B 239 0.31 21.34 -34.21
C ASP B 239 -1.17 21.07 -33.97
N PRO B 240 -2.02 21.36 -35.03
CA PRO B 240 -3.43 21.10 -34.77
C PRO B 240 -3.87 19.76 -35.37
N SER B 241 -3.01 19.16 -36.18
CA SER B 241 -3.32 17.89 -36.83
C SER B 241 -3.85 16.88 -35.82
N GLY B 242 -4.38 15.77 -36.32
CA GLY B 242 -4.93 14.74 -35.47
C GLY B 242 -6.36 15.04 -35.11
N PRO B 243 -6.93 14.26 -34.20
CA PRO B 243 -8.28 14.54 -33.72
C PRO B 243 -8.27 15.39 -32.46
N PHE B 244 -9.32 16.16 -32.29
CA PHE B 244 -9.45 16.95 -31.09
C PHE B 244 -9.46 16.06 -29.86
N LEU B 245 -8.93 16.58 -28.76
CA LEU B 245 -8.92 15.94 -27.46
C LEU B 245 -8.68 17.01 -26.42
N MET B 246 -9.44 16.97 -25.32
CA MET B 246 -9.33 18.02 -24.32
C MET B 246 -9.54 17.42 -22.95
N SER B 247 -8.69 17.83 -22.01
CA SER B 247 -8.76 17.37 -20.63
C SER B 247 -9.51 18.39 -19.82
N VAL B 248 -10.56 17.96 -19.15
CA VAL B 248 -11.52 18.84 -18.50
C VAL B 248 -11.26 18.81 -17.01
N ASP B 249 -10.92 19.97 -16.44
CA ASP B 249 -10.72 20.10 -15.01
C ASP B 249 -11.91 20.70 -14.27
N HIS B 250 -12.85 21.36 -14.96
CA HIS B 250 -14.01 21.89 -14.26
C HIS B 250 -15.22 21.90 -15.17
N CYS B 251 -16.37 21.60 -14.60
CA CYS B 251 -17.61 21.57 -15.36
C CYS B 251 -18.74 22.08 -14.48
N PHE B 252 -19.38 23.16 -14.90
CA PHE B 252 -20.48 23.74 -14.17
C PHE B 252 -21.46 24.33 -15.16
N SER B 253 -22.64 24.66 -14.67
CA SER B 253 -23.70 25.19 -15.51
C SER B 253 -23.89 26.67 -15.23
N ILE B 254 -24.17 27.41 -16.29
CA ILE B 254 -24.52 28.83 -16.22
C ILE B 254 -26.02 28.93 -16.40
N LYS B 255 -26.62 29.89 -15.68
CA LYS B 255 -28.07 30.11 -15.65
C LYS B 255 -28.76 29.83 -16.98
N GLY B 256 -28.56 30.69 -17.96
CA GLY B 256 -29.26 30.56 -19.23
C GLY B 256 -28.38 30.26 -20.42
N GLN B 257 -27.07 30.11 -20.17
CA GLN B 257 -26.13 29.81 -21.23
C GLN B 257 -25.94 28.31 -21.43
N GLY B 258 -25.96 27.54 -20.35
CA GLY B 258 -25.77 26.11 -20.46
C GLY B 258 -24.73 25.56 -19.52
N THR B 259 -23.87 24.67 -20.01
CA THR B 259 -22.83 24.05 -19.21
C THR B 259 -21.46 24.41 -19.77
N VAL B 260 -20.55 24.80 -18.89
CA VAL B 260 -19.21 25.25 -19.27
C VAL B 260 -18.19 24.20 -18.83
N MET B 261 -17.28 23.88 -19.72
CA MET B 261 -16.15 22.99 -19.44
C MET B 261 -14.86 23.76 -19.65
N THR B 262 -14.00 23.78 -18.63
CA THR B 262 -12.69 24.41 -18.71
C THR B 262 -11.61 23.35 -18.66
N GLY B 263 -10.66 23.40 -19.58
CA GLY B 263 -9.54 22.49 -19.51
C GLY B 263 -8.56 22.76 -20.62
N THR B 264 -7.61 21.85 -20.75
CA THR B 264 -6.45 21.99 -21.61
C THR B 264 -6.57 21.09 -22.83
N ILE B 265 -6.27 21.63 -24.00
CA ILE B 265 -6.33 20.84 -25.22
C ILE B 265 -5.06 20.02 -25.36
N LEU B 266 -5.19 18.70 -25.38
CA LEU B 266 -4.06 17.77 -25.50
C LEU B 266 -3.64 17.54 -26.94
N SER B 267 -4.56 17.60 -27.89
CA SER B 267 -4.23 17.44 -29.30
C SER B 267 -5.38 17.99 -30.14
N GLY B 268 -5.05 18.47 -31.32
CA GLY B 268 -6.04 18.90 -32.26
C GLY B 268 -6.43 20.35 -32.13
N SER B 269 -7.50 20.69 -32.85
CA SER B 269 -8.02 22.04 -32.88
C SER B 269 -9.49 22.00 -32.53
N ILE B 270 -10.10 23.18 -32.44
CA ILE B 270 -11.54 23.28 -32.34
C ILE B 270 -11.92 24.70 -32.71
N SER B 271 -13.11 24.85 -33.29
CA SER B 271 -13.63 26.16 -33.62
C SER B 271 -15.08 26.22 -33.17
N LEU B 272 -15.70 27.36 -33.38
CA LEU B 272 -17.12 27.48 -33.11
C LEU B 272 -17.92 26.67 -34.12
N GLY B 273 -18.89 25.92 -33.63
CA GLY B 273 -19.66 25.07 -34.51
C GLY B 273 -19.32 23.60 -34.39
N ASP B 274 -18.04 23.26 -34.30
CA ASP B 274 -17.61 21.86 -34.25
C ASP B 274 -18.40 21.09 -33.21
N SER B 275 -18.51 19.79 -33.42
CA SER B 275 -19.18 18.91 -32.48
C SER B 275 -18.12 18.22 -31.64
N VAL B 276 -18.38 18.11 -30.34
CA VAL B 276 -17.48 17.43 -29.43
C VAL B 276 -18.26 16.30 -28.76
N GLU B 277 -17.62 15.15 -28.66
CA GLU B 277 -18.18 14.01 -27.98
C GLU B 277 -17.77 14.07 -26.52
N ILE B 278 -18.72 13.82 -25.63
CA ILE B 278 -18.41 13.61 -24.23
C ILE B 278 -18.68 12.15 -23.91
N PRO B 279 -17.73 11.25 -24.12
CA PRO B 279 -18.04 9.82 -23.98
C PRO B 279 -18.56 9.44 -22.61
N ALA B 280 -18.26 10.21 -21.56
CA ALA B 280 -18.70 9.91 -20.21
C ALA B 280 -20.21 10.07 -20.11
N LEU B 281 -20.81 10.56 -21.18
CA LEU B 281 -22.25 10.66 -21.30
C LEU B 281 -22.76 10.12 -22.61
N LYS B 282 -21.93 9.51 -23.45
CA LYS B 282 -22.31 8.93 -24.74
C LYS B 282 -23.06 9.90 -25.64
N VAL B 283 -22.99 11.20 -25.37
CA VAL B 283 -23.68 12.20 -26.16
C VAL B 283 -22.66 13.03 -26.93
N VAL B 284 -23.17 13.92 -27.79
CA VAL B 284 -22.35 14.81 -28.60
C VAL B 284 -23.00 16.19 -28.58
N LYS B 285 -22.19 17.22 -28.37
CA LYS B 285 -22.69 18.58 -28.28
C LYS B 285 -22.00 19.44 -29.31
N LYS B 286 -22.70 20.47 -29.77
CA LYS B 286 -22.11 21.44 -30.65
C LYS B 286 -21.60 22.60 -29.82
N VAL B 287 -20.48 23.17 -30.25
CA VAL B 287 -19.79 24.21 -29.50
C VAL B 287 -20.53 25.53 -29.67
N LYS B 288 -20.99 26.10 -28.56
CA LYS B 288 -21.65 27.39 -28.62
C LYS B 288 -20.67 28.55 -28.52
N SER B 289 -19.82 28.56 -27.49
CA SER B 289 -18.85 29.64 -27.31
C SER B 289 -17.58 29.11 -26.68
N MET B 290 -16.47 29.81 -26.94
CA MET B 290 -15.18 29.53 -26.34
C MET B 290 -14.57 30.81 -25.81
N GLN B 291 -13.93 30.74 -24.65
CA GLN B 291 -13.34 31.94 -24.07
C GLN B 291 -11.97 31.67 -23.48
N MET B 292 -11.07 32.61 -23.71
CA MET B 292 -9.71 32.50 -23.20
C MET B 292 -9.13 33.89 -23.03
N PHE B 293 -8.31 34.06 -21.99
CA PHE B 293 -7.66 35.33 -21.66
C PHE B 293 -8.68 36.42 -21.40
N HIS B 294 -9.79 36.06 -20.77
CA HIS B 294 -10.88 36.97 -20.41
C HIS B 294 -11.61 37.54 -21.63
N MET B 295 -11.57 36.87 -22.76
CA MET B 295 -12.21 37.37 -23.98
C MET B 295 -12.82 36.19 -24.70
N PRO B 296 -13.69 36.43 -25.67
CA PRO B 296 -14.19 35.35 -26.49
C PRO B 296 -13.21 35.06 -27.62
N ILE B 297 -13.08 33.78 -27.96
CA ILE B 297 -12.27 33.37 -29.09
C ILE B 297 -13.17 32.59 -30.03
N THR B 298 -12.64 32.34 -31.22
CA THR B 298 -13.35 31.60 -32.26
C THR B 298 -12.53 30.44 -32.80
N SER B 299 -11.40 30.14 -32.19
CA SER B 299 -10.55 29.02 -32.56
C SER B 299 -9.62 28.70 -31.40
N ALA B 300 -9.26 27.43 -31.27
CA ALA B 300 -8.38 26.98 -30.21
C ALA B 300 -7.22 26.22 -30.82
N MET B 301 -6.49 25.46 -30.01
CA MET B 301 -5.38 24.70 -30.53
C MET B 301 -4.71 23.99 -29.37
N GLN B 302 -4.00 22.91 -29.69
CA GLN B 302 -3.23 22.19 -28.70
C GLN B 302 -2.34 23.11 -27.89
N GLY B 303 -2.40 22.98 -26.57
CA GLY B 303 -1.64 23.79 -25.64
C GLY B 303 -2.46 24.82 -24.92
N ASP B 304 -3.52 25.31 -25.55
CA ASP B 304 -4.34 26.32 -24.93
C ASP B 304 -5.15 25.73 -23.79
N ARG B 305 -5.51 26.61 -22.85
CA ARG B 305 -6.35 26.30 -21.71
C ARG B 305 -7.51 27.25 -22.02
N LEU B 306 -8.76 26.78 -21.91
CA LEU B 306 -9.86 27.65 -22.27
C LEU B 306 -11.13 27.19 -21.58
N GLY B 307 -12.24 27.77 -21.98
CA GLY B 307 -13.53 27.31 -21.54
C GLY B 307 -14.46 27.22 -22.74
N ILE B 308 -15.23 26.16 -22.79
CA ILE B 308 -16.20 25.93 -23.85
C ILE B 308 -17.59 25.86 -23.26
N CYS B 309 -18.55 26.50 -23.92
CA CYS B 309 -19.94 26.47 -23.49
C CYS B 309 -20.76 25.68 -24.49
N VAL B 310 -21.60 24.79 -23.98
CA VAL B 310 -22.46 23.97 -24.82
C VAL B 310 -23.82 23.77 -24.18
N THR B 311 -24.73 23.22 -24.96
CA THR B 311 -26.08 23.00 -24.49
C THR B 311 -26.12 22.20 -23.23
N GLN B 312 -26.71 22.80 -22.22
CA GLN B 312 -26.81 22.23 -20.91
C GLN B 312 -27.00 20.76 -20.69
N PHE B 313 -26.31 20.32 -19.67
CA PHE B 313 -26.40 19.00 -19.05
C PHE B 313 -26.11 19.04 -17.57
N ASP B 314 -26.19 17.90 -16.89
CA ASP B 314 -25.93 17.85 -15.46
C ASP B 314 -24.43 17.76 -15.18
N PRO B 315 -23.86 18.70 -14.44
CA PRO B 315 -22.41 18.66 -14.18
C PRO B 315 -21.96 17.42 -13.42
N LYS B 316 -22.69 17.02 -12.37
CA LYS B 316 -22.24 15.93 -11.49
C LYS B 316 -22.07 14.61 -12.21
N LEU B 317 -22.32 14.59 -13.52
CA LEU B 317 -22.06 13.42 -14.33
C LEU B 317 -20.64 13.39 -14.90
N LEU B 318 -19.96 14.53 -14.87
CA LEU B 318 -18.60 14.61 -15.33
C LEU B 318 -17.89 15.73 -14.60
N GLU B 319 -17.08 15.39 -13.62
CA GLU B 319 -16.34 16.35 -12.81
C GLU B 319 -14.98 16.62 -13.40
N ARG B 320 -14.43 15.61 -14.05
CA ARG B 320 -13.10 15.60 -14.63
C ARG B 320 -13.06 14.45 -15.62
N GLY B 321 -12.57 14.68 -16.83
CA GLY B 321 -12.61 13.64 -17.84
C GLY B 321 -12.24 14.19 -19.20
N LEU B 322 -12.56 13.43 -20.22
CA LEU B 322 -12.12 13.72 -21.57
C LEU B 322 -13.27 14.14 -22.45
N VAL B 323 -12.92 14.81 -23.55
CA VAL B 323 -13.85 15.34 -24.53
C VAL B 323 -13.07 15.40 -25.83
N CYS B 324 -13.61 14.84 -26.91
CA CYS B 324 -12.83 14.62 -28.12
C CYS B 324 -13.66 14.93 -29.34
N ALA B 325 -13.02 14.91 -30.50
CA ALA B 325 -13.78 15.07 -31.72
C ALA B 325 -14.66 13.84 -31.50
N PRO B 326 -15.72 13.66 -32.28
CA PRO B 326 -16.57 12.49 -32.06
C PRO B 326 -16.05 11.27 -32.81
N GLU B 327 -16.14 10.12 -32.17
CA GLU B 327 -15.77 8.83 -32.77
C GLU B 327 -14.31 8.82 -33.20
N SER B 328 -13.43 9.25 -32.29
CA SER B 328 -11.99 9.21 -32.51
C SER B 328 -11.28 8.59 -31.32
N LEU B 329 -12.01 8.24 -30.29
CA LEU B 329 -11.51 7.69 -29.05
C LEU B 329 -12.21 6.37 -28.83
N HIS B 330 -11.45 5.32 -28.58
CA HIS B 330 -12.04 4.00 -28.44
C HIS B 330 -12.03 3.54 -26.99
N THR B 331 -13.08 2.84 -26.60
CA THR B 331 -13.12 2.16 -25.33
C THR B 331 -12.68 0.72 -25.52
N VAL B 332 -11.94 0.19 -24.55
CA VAL B 332 -11.24 -1.07 -24.71
C VAL B 332 -11.37 -1.88 -23.42
N HIS B 333 -11.45 -3.20 -23.57
CA HIS B 333 -11.42 -4.11 -22.43
C HIS B 333 -10.05 -4.73 -22.23
N ALA B 334 -9.13 -4.50 -23.16
CA ALA B 334 -7.80 -5.06 -23.14
C ALA B 334 -6.99 -4.36 -24.20
N ALA B 335 -5.68 -4.52 -24.12
CA ALA B 335 -4.79 -3.82 -25.02
C ALA B 335 -3.44 -4.51 -25.06
N LEU B 336 -2.74 -4.33 -26.16
CA LEU B 336 -1.35 -4.72 -26.28
C LEU B 336 -0.49 -3.49 -26.03
N ILE B 337 0.36 -3.51 -25.03
CA ILE B 337 1.16 -2.32 -24.76
C ILE B 337 2.61 -2.59 -24.43
N SER B 338 3.49 -1.85 -25.10
CA SER B 338 4.91 -2.00 -24.84
C SER B 338 5.13 -1.93 -23.34
N VAL B 339 6.17 -2.60 -22.86
CA VAL B 339 6.38 -2.66 -21.42
C VAL B 339 7.85 -2.43 -21.13
N GLU B 340 8.15 -1.42 -20.32
CA GLU B 340 9.47 -1.21 -19.78
C GLU B 340 9.33 -1.15 -18.27
N LYS B 341 10.18 -1.88 -17.57
CA LYS B 341 10.14 -1.86 -16.13
C LYS B 341 10.73 -0.55 -15.63
N ILE B 342 10.38 -0.22 -14.40
CA ILE B 342 10.83 1.01 -13.76
C ILE B 342 11.92 0.62 -12.76
N PRO B 343 13.17 1.03 -12.99
CA PRO B 343 14.30 0.52 -12.18
C PRO B 343 14.08 0.60 -10.68
N TYR B 344 13.48 1.66 -10.17
CA TYR B 344 13.33 1.83 -8.74
C TYR B 344 12.29 0.90 -8.14
N PHE B 345 11.45 0.28 -8.96
CA PHE B 345 10.49 -0.67 -8.42
C PHE B 345 11.21 -1.95 -8.03
N ARG B 346 11.09 -2.33 -6.77
CA ARG B 346 11.64 -3.57 -6.27
C ARG B 346 10.57 -4.64 -6.36
N GLY B 347 10.92 -5.78 -6.93
CA GLY B 347 9.98 -6.85 -7.10
C GLY B 347 9.83 -7.26 -8.55
N PRO B 348 9.17 -8.39 -8.79
CA PRO B 348 9.00 -8.87 -10.15
C PRO B 348 7.67 -8.43 -10.75
N LEU B 349 7.61 -8.50 -12.07
CA LEU B 349 6.39 -8.25 -12.82
C LEU B 349 5.90 -9.62 -13.30
N GLN B 350 5.08 -10.25 -12.49
CA GLN B 350 4.65 -11.61 -12.77
C GLN B 350 3.43 -11.59 -13.69
N THR B 351 3.32 -12.63 -14.50
CA THR B 351 2.11 -12.84 -15.28
C THR B 351 0.97 -13.21 -14.35
N LYS B 352 -0.24 -12.80 -14.72
CA LYS B 352 -1.47 -13.03 -13.97
C LYS B 352 -1.50 -12.29 -12.66
N ALA B 353 -0.57 -11.36 -12.44
CA ALA B 353 -0.62 -10.48 -11.29
C ALA B 353 -1.51 -9.29 -11.62
N LYS B 354 -2.32 -8.88 -10.64
CA LYS B 354 -3.20 -7.75 -10.83
C LYS B 354 -2.47 -6.45 -10.49
N PHE B 355 -2.66 -5.44 -11.33
CA PHE B 355 -2.02 -4.14 -11.16
C PHE B 355 -3.08 -3.04 -11.21
N HIS B 356 -2.77 -1.91 -10.59
CA HIS B 356 -3.46 -0.65 -10.89
C HIS B 356 -2.89 -0.10 -12.18
N ILE B 357 -3.74 0.20 -13.15
CA ILE B 357 -3.27 0.68 -14.44
C ILE B 357 -3.86 2.05 -14.69
N THR B 358 -3.01 3.01 -15.05
CA THR B 358 -3.40 4.39 -15.28
C THR B 358 -3.29 4.69 -16.77
N VAL B 359 -4.43 4.90 -17.42
CA VAL B 359 -4.45 5.20 -18.85
C VAL B 359 -4.89 6.64 -19.05
N GLY B 360 -4.07 7.59 -18.60
CA GLY B 360 -4.37 8.99 -18.71
C GLY B 360 -5.04 9.52 -17.46
N HIS B 361 -6.33 9.84 -17.56
CA HIS B 361 -7.09 10.31 -16.42
C HIS B 361 -7.83 9.20 -15.68
N GLU B 362 -7.92 8.01 -16.27
CA GLU B 362 -8.63 6.89 -15.69
C GLU B 362 -7.64 5.85 -15.16
N THR B 363 -8.09 5.11 -14.15
CA THR B 363 -7.25 4.16 -13.44
C THR B 363 -8.09 2.95 -13.08
N VAL B 364 -7.72 1.79 -13.62
CA VAL B 364 -8.52 0.58 -13.49
C VAL B 364 -7.59 -0.59 -13.21
N MET B 365 -8.12 -1.61 -12.55
CA MET B 365 -7.38 -2.82 -12.26
C MET B 365 -7.20 -3.65 -13.51
N GLY B 366 -6.17 -4.48 -13.50
CA GLY B 366 -5.85 -5.29 -14.66
C GLY B 366 -4.90 -6.41 -14.32
N ARG B 367 -5.09 -7.56 -14.94
CA ARG B 367 -4.17 -8.68 -14.86
C ARG B 367 -3.34 -8.68 -16.13
N LEU B 368 -2.07 -9.01 -16.00
CA LEU B 368 -1.14 -8.93 -17.11
C LEU B 368 -0.62 -10.31 -17.49
N MET B 369 -0.17 -10.40 -18.73
CA MET B 369 0.50 -11.58 -19.25
C MET B 369 1.64 -11.12 -20.14
N PHE B 370 2.86 -11.24 -19.63
CA PHE B 370 4.02 -10.74 -20.36
C PHE B 370 4.46 -11.74 -21.41
N PHE B 371 4.97 -11.23 -22.53
CA PHE B 371 5.49 -12.13 -23.52
C PHE B 371 6.68 -11.47 -24.21
N SER B 372 7.62 -12.28 -24.57
CA SER B 372 8.85 -11.84 -25.19
C SER B 372 8.83 -12.14 -26.67
N PRO B 373 9.63 -11.46 -27.46
CA PRO B 373 9.67 -11.77 -28.89
C PRO B 373 10.22 -13.15 -29.16
N ALA B 374 10.24 -13.58 -30.42
CA ALA B 374 10.85 -14.84 -30.77
C ALA B 374 12.33 -14.82 -30.40
N PRO B 375 12.88 -15.92 -29.86
CA PRO B 375 14.30 -15.90 -29.44
C PRO B 375 15.27 -15.54 -30.56
N ASP B 376 15.10 -16.09 -31.76
CA ASP B 376 15.92 -15.68 -32.90
C ASP B 376 15.62 -14.24 -33.33
N ASN B 377 14.74 -13.51 -32.62
CA ASN B 377 14.33 -12.13 -32.97
C ASN B 377 14.54 -11.12 -31.85
N PHE B 378 14.97 -11.56 -30.67
CA PHE B 378 15.11 -10.69 -29.50
C PHE B 378 15.64 -9.32 -29.87
N ASP B 379 16.85 -9.26 -30.44
CA ASP B 379 17.50 -7.98 -30.71
C ASP B 379 16.88 -7.26 -31.91
N GLN B 380 15.60 -7.52 -32.19
CA GLN B 380 14.93 -6.81 -33.27
C GLN B 380 14.66 -5.37 -32.85
N GLU B 381 14.77 -4.47 -33.82
CA GLU B 381 14.48 -3.06 -33.57
C GLU B 381 13.16 -2.91 -32.82
N PRO B 382 13.12 -2.19 -31.72
CA PRO B 382 11.85 -2.00 -30.99
C PRO B 382 10.94 -1.03 -31.73
N ILE B 383 9.68 -1.43 -31.89
CA ILE B 383 8.69 -0.65 -32.63
C ILE B 383 7.64 -0.14 -31.64
N LEU B 384 7.49 1.17 -31.58
CA LEU B 384 6.59 1.80 -30.60
C LEU B 384 5.39 2.47 -31.24
N ASP B 385 5.27 2.41 -32.57
CA ASP B 385 4.18 2.98 -33.32
C ASP B 385 3.07 1.99 -33.60
N SER B 386 3.38 0.85 -34.18
CA SER B 386 2.40 -0.14 -34.57
C SER B 386 2.68 -1.45 -33.85
N PHE B 387 1.91 -2.48 -34.20
CA PHE B 387 2.15 -3.83 -33.71
C PHE B 387 1.77 -4.80 -34.83
N ASN B 388 2.76 -5.51 -35.37
CA ASN B 388 2.51 -6.43 -36.49
C ASN B 388 2.30 -7.85 -35.97
N PHE B 389 1.20 -8.45 -36.38
CA PHE B 389 0.88 -9.80 -35.97
C PHE B 389 1.43 -10.84 -36.94
N SER B 390 2.20 -10.39 -37.92
CA SER B 390 2.88 -11.30 -38.83
C SER B 390 4.16 -11.88 -38.23
N GLN B 391 4.33 -11.79 -36.92
CA GLN B 391 5.50 -12.32 -36.24
C GLN B 391 5.03 -13.15 -35.05
N GLU B 392 5.95 -13.92 -34.48
CA GLU B 392 5.61 -14.85 -33.41
C GLU B 392 6.30 -14.40 -32.12
N TYR B 393 5.59 -14.56 -31.03
CA TYR B 393 6.03 -14.05 -29.74
C TYR B 393 6.04 -15.19 -28.73
N LEU B 394 6.89 -15.07 -27.73
CA LEU B 394 7.13 -16.15 -26.78
C LEU B 394 6.57 -15.74 -25.43
N PHE B 395 5.65 -16.55 -24.90
CA PHE B 395 5.08 -16.35 -23.57
C PHE B 395 6.19 -16.18 -22.56
N GLN B 396 5.89 -15.51 -21.45
CA GLN B 396 6.88 -15.32 -20.40
C GLN B 396 6.16 -15.12 -19.07
N GLU B 397 6.68 -15.74 -18.02
CA GLU B 397 6.05 -15.66 -16.72
C GLU B 397 6.48 -14.44 -15.91
N GLN B 398 7.39 -13.64 -16.44
CA GLN B 398 7.83 -12.46 -15.72
C GLN B 398 8.76 -11.59 -16.54
N TYR B 399 8.52 -10.28 -16.51
CA TYR B 399 9.36 -9.36 -17.26
C TYR B 399 10.79 -9.81 -17.11
N LEU B 400 11.58 -9.62 -18.16
CA LEU B 400 12.97 -10.09 -18.18
C LEU B 400 13.92 -8.92 -17.98
N SER B 401 14.59 -8.90 -16.84
CA SER B 401 15.64 -7.92 -16.57
C SER B 401 16.96 -8.65 -16.32
N LYS B 402 18.05 -7.90 -16.36
CA LYS B 402 19.39 -8.46 -16.24
C LYS B 402 19.59 -9.17 -14.90
N GLY B 424 19.87 -15.45 -19.19
CA GLY B 424 20.24 -15.06 -20.54
C GLY B 424 20.12 -13.57 -20.80
N HIS B 425 20.63 -13.12 -21.94
CA HIS B 425 20.58 -11.71 -22.30
C HIS B 425 19.14 -11.25 -22.39
N CYS B 426 18.91 -10.00 -22.03
CA CYS B 426 17.58 -9.43 -22.03
C CYS B 426 17.23 -8.94 -23.44
N PRO B 427 15.94 -8.98 -23.80
CA PRO B 427 15.54 -8.58 -25.16
C PRO B 427 15.40 -7.07 -25.29
N ARG B 428 15.34 -6.63 -26.53
CA ARG B 428 15.30 -5.19 -26.78
C ARG B 428 13.93 -4.61 -26.46
N GLN B 429 12.86 -5.35 -26.72
CA GLN B 429 11.50 -4.84 -26.59
C GLN B 429 10.58 -5.93 -26.06
N GLN B 430 9.82 -5.62 -25.03
CA GLN B 430 8.86 -6.55 -24.46
C GLN B 430 7.46 -5.93 -24.50
N TRP B 431 6.46 -6.79 -24.44
CA TRP B 431 5.08 -6.33 -24.45
C TRP B 431 4.32 -7.05 -23.36
N ALA B 432 3.00 -6.92 -23.36
CA ALA B 432 2.14 -7.57 -22.39
C ALA B 432 0.70 -7.37 -22.86
N LEU B 433 -0.21 -8.08 -22.21
CA LEU B 433 -1.62 -7.95 -22.48
C LEU B 433 -2.31 -7.68 -21.16
N VAL B 434 -3.17 -6.68 -21.15
CA VAL B 434 -3.82 -6.19 -19.95
C VAL B 434 -5.30 -6.48 -20.07
N GLU B 435 -5.87 -7.12 -19.08
CA GLU B 435 -7.29 -7.41 -19.10
C GLU B 435 -7.93 -6.63 -17.98
N PHE B 436 -8.68 -5.60 -18.34
CA PHE B 436 -9.18 -4.63 -17.38
C PHE B 436 -10.45 -5.15 -16.72
N GLU B 437 -10.51 -5.05 -15.40
CA GLU B 437 -11.70 -5.41 -14.67
C GLU B 437 -12.89 -4.52 -14.99
N LYS B 438 -12.64 -3.29 -15.44
CA LYS B 438 -13.63 -2.39 -15.98
C LYS B 438 -13.08 -1.82 -17.28
N PRO B 439 -13.93 -1.46 -18.22
CA PRO B 439 -13.44 -0.95 -19.50
C PRO B 439 -12.96 0.49 -19.36
N VAL B 440 -12.23 0.93 -20.38
CA VAL B 440 -11.49 2.17 -20.28
C VAL B 440 -11.50 2.86 -21.63
N THR B 441 -11.74 4.16 -21.60
CA THR B 441 -11.83 4.98 -22.79
C THR B 441 -10.54 5.77 -22.92
N CYS B 442 -9.96 5.79 -24.10
CA CYS B 442 -8.63 6.37 -24.17
C CYS B 442 -8.28 6.65 -25.62
N PRO B 443 -7.22 7.41 -25.88
CA PRO B 443 -6.78 7.60 -27.25
C PRO B 443 -5.90 6.46 -27.71
N ARG B 444 -5.57 6.49 -28.99
CA ARG B 444 -4.72 5.47 -29.56
C ARG B 444 -3.28 5.88 -29.40
N LEU B 445 -2.43 4.91 -29.13
CA LEU B 445 -1.01 5.11 -28.84
C LEU B 445 -0.81 5.92 -27.57
N CYS B 446 -1.78 5.92 -26.68
CA CYS B 446 -1.62 6.68 -25.45
C CYS B 446 -0.63 5.97 -24.54
N LEU B 447 -0.33 6.63 -23.44
CA LEU B 447 0.68 6.19 -22.51
C LEU B 447 0.03 5.39 -21.39
N VAL B 448 0.77 4.43 -20.87
CA VAL B 448 0.26 3.49 -19.88
C VAL B 448 1.27 3.37 -18.75
N ILE B 449 0.79 3.26 -17.52
CA ILE B 449 1.61 3.04 -16.35
C ILE B 449 0.91 2.00 -15.49
N GLY B 450 1.68 1.11 -14.87
CA GLY B 450 1.14 0.17 -13.93
C GLY B 450 1.84 0.35 -12.60
N SER B 451 1.09 0.12 -11.52
CA SER B 451 1.60 0.46 -10.20
C SER B 451 0.87 -0.35 -9.17
N ARG B 452 1.46 -0.46 -7.98
CA ARG B 452 0.89 -1.22 -6.87
C ARG B 452 0.53 -0.23 -5.77
N LEU B 453 -0.66 0.36 -5.87
CA LEU B 453 -1.08 1.45 -5.02
C LEU B 453 -1.85 0.99 -3.80
N ASP B 454 -1.69 -0.25 -3.37
CA ASP B 454 -2.25 -0.69 -2.11
C ASP B 454 -1.20 -0.66 -0.99
N ALA B 455 0.01 -0.22 -1.29
CA ALA B 455 1.08 -0.22 -0.31
C ALA B 455 0.86 0.87 0.73
N ASP B 456 1.32 0.59 1.94
CA ASP B 456 1.31 1.59 2.99
C ASP B 456 1.91 2.89 2.50
N ILE B 457 1.36 4.00 2.99
CA ILE B 457 1.68 5.31 2.45
C ILE B 457 3.09 5.75 2.80
N HIS B 458 3.62 5.29 3.93
CA HIS B 458 4.99 5.60 4.33
C HIS B 458 6.00 4.59 3.79
N THR B 459 5.74 3.98 2.64
CA THR B 459 6.57 2.90 2.15
C THR B 459 7.90 3.45 1.64
N ASN B 460 8.96 2.66 1.82
CA ASN B 460 10.31 3.09 1.46
C ASN B 460 10.58 2.99 -0.02
N THR B 461 9.75 2.29 -0.78
CA THR B 461 10.08 1.90 -2.14
C THR B 461 9.15 2.56 -3.13
N CYS B 462 9.60 2.62 -4.38
CA CYS B 462 8.79 3.13 -5.47
C CYS B 462 7.63 2.19 -5.73
N ARG B 463 6.46 2.76 -6.01
CA ARG B 463 5.25 1.99 -6.22
C ARG B 463 4.85 1.94 -7.67
N LEU B 464 5.60 2.59 -8.55
CA LEU B 464 5.30 2.60 -9.96
C LEU B 464 6.11 1.49 -10.64
N ALA B 465 5.41 0.50 -11.18
CA ALA B 465 6.07 -0.75 -11.53
C ALA B 465 6.60 -0.79 -12.97
N PHE B 466 5.93 -0.15 -13.93
CA PHE B 466 6.35 -0.21 -15.32
C PHE B 466 5.62 0.87 -16.08
N HIS B 467 6.00 1.05 -17.35
CA HIS B 467 5.33 1.99 -18.20
C HIS B 467 5.46 1.54 -19.64
N GLY B 468 4.55 2.01 -20.47
CA GLY B 468 4.57 1.63 -21.86
C GLY B 468 3.61 2.47 -22.66
N ILE B 469 3.29 1.98 -23.85
CA ILE B 469 2.41 2.65 -24.80
C ILE B 469 1.33 1.66 -25.19
N LEU B 470 0.10 2.15 -25.31
CA LEU B 470 -1.01 1.31 -25.76
C LEU B 470 -0.91 1.18 -27.27
N LEU B 471 -0.55 -0.02 -27.74
CA LEU B 471 -0.28 -0.24 -29.16
C LEU B 471 -1.47 -0.78 -29.93
N HIS B 472 -2.36 -1.53 -29.30
CA HIS B 472 -3.57 -1.96 -29.99
C HIS B 472 -4.67 -2.12 -28.95
N GLY B 473 -5.78 -1.43 -29.15
CA GLY B 473 -6.89 -1.50 -28.24
C GLY B 473 -7.93 -2.52 -28.68
N LEU B 474 -8.42 -3.27 -27.71
CA LEU B 474 -9.38 -4.35 -27.95
C LEU B 474 -10.78 -3.86 -27.58
N GLU B 475 -11.46 -3.29 -28.56
CA GLU B 475 -12.76 -2.68 -28.31
C GLU B 475 -13.83 -3.72 -28.03
N ASP B 476 -13.66 -4.95 -28.51
CA ASP B 476 -14.71 -5.95 -28.46
C ASP B 476 -14.76 -6.63 -27.10
N ARG B 477 -15.97 -6.73 -26.53
CA ARG B 477 -16.14 -7.21 -25.16
C ARG B 477 -15.68 -8.65 -25.00
N ASN B 478 -15.82 -9.48 -26.04
CA ASN B 478 -15.28 -10.83 -26.01
C ASN B 478 -14.12 -10.95 -26.99
N TYR B 479 -13.22 -9.97 -26.93
CA TYR B 479 -11.96 -10.01 -27.66
C TYR B 479 -11.26 -11.37 -27.54
N ALA B 480 -11.54 -12.10 -26.45
CA ALA B 480 -10.88 -13.39 -26.23
C ALA B 480 -11.07 -14.31 -27.43
N ASP B 481 -12.25 -14.29 -28.03
CA ASP B 481 -12.51 -15.07 -29.24
C ASP B 481 -12.38 -14.25 -30.51
N SER B 482 -12.82 -12.99 -30.49
CA SER B 482 -12.91 -12.23 -31.73
C SER B 482 -11.53 -11.87 -32.26
N PHE B 483 -10.63 -11.49 -31.39
CA PHE B 483 -9.37 -10.93 -31.83
C PHE B 483 -8.16 -11.67 -31.30
N LEU B 484 -8.26 -12.25 -30.10
CA LEU B 484 -7.09 -12.89 -29.50
C LEU B 484 -6.46 -13.95 -30.40
N PRO B 485 -7.21 -14.89 -31.03
CA PRO B 485 -6.55 -15.87 -31.91
C PRO B 485 -5.59 -15.33 -32.96
N ARG B 486 -5.35 -14.02 -33.03
CA ARG B 486 -4.47 -13.46 -34.06
C ARG B 486 -3.05 -13.25 -33.58
N LEU B 487 -2.78 -13.37 -32.29
CA LEU B 487 -1.46 -13.11 -31.72
C LEU B 487 -0.80 -14.45 -31.40
N LYS B 488 0.31 -14.72 -32.09
CA LYS B 488 0.94 -16.04 -32.09
C LYS B 488 1.99 -16.08 -30.99
N VAL B 489 1.50 -16.21 -29.76
CA VAL B 489 2.33 -16.33 -28.57
C VAL B 489 2.12 -17.73 -28.03
N TYR B 490 3.23 -18.41 -27.73
CA TYR B 490 3.24 -19.83 -27.43
C TYR B 490 4.07 -20.10 -26.19
N LYS B 491 3.80 -21.24 -25.56
CA LYS B 491 4.68 -21.81 -24.56
C LYS B 491 5.45 -22.95 -25.19
N LEU B 492 6.78 -22.92 -25.05
CA LEU B 492 7.59 -24.05 -25.48
C LEU B 492 7.56 -25.13 -24.39
N LYS B 493 6.38 -25.71 -24.20
CA LYS B 493 6.16 -26.67 -23.13
C LYS B 493 7.04 -27.90 -23.33
N HIS B 494 8.01 -28.09 -22.44
CA HIS B 494 8.99 -29.17 -22.52
C HIS B 494 8.88 -30.00 -21.25
N LYS B 495 7.90 -30.89 -21.22
CA LYS B 495 7.69 -31.77 -20.08
C LYS B 495 6.96 -33.04 -20.49
N ARG B 501 5.78 -51.52 -18.91
CA ARG B 501 6.58 -52.68 -19.27
C ARG B 501 6.76 -52.75 -20.77
N ALA B 502 8.00 -52.96 -21.22
CA ALA B 502 8.29 -53.09 -22.64
C ALA B 502 7.80 -54.44 -23.15
N MET B 503 7.09 -54.43 -24.28
CA MET B 503 6.51 -55.66 -24.82
C MET B 503 7.14 -56.01 -26.16
N ASP B 504 6.61 -55.48 -27.25
CA ASP B 504 7.12 -55.82 -28.56
C ASP B 504 8.41 -55.05 -28.86
N ASP B 505 9.13 -55.53 -29.87
CA ASP B 505 10.35 -54.86 -30.31
C ASP B 505 10.08 -53.50 -30.93
N TYR B 506 8.82 -53.17 -31.21
CA TYR B 506 8.42 -51.82 -31.60
C TYR B 506 7.38 -51.23 -30.66
N SER B 507 6.98 -51.94 -29.61
CA SER B 507 6.08 -51.41 -28.60
C SER B 507 6.90 -50.90 -27.40
N VAL B 508 6.23 -50.14 -26.54
CA VAL B 508 6.87 -49.55 -25.38
C VAL B 508 5.81 -48.94 -24.48
N ILE B 509 5.88 -49.21 -23.19
CA ILE B 509 4.94 -48.65 -22.24
C ILE B 509 5.74 -47.88 -21.20
N ASN B 519 -7.44 -37.00 -22.23
CA ASN B 519 -7.48 -37.92 -23.36
C ASN B 519 -6.19 -37.87 -24.15
N ILE B 520 -5.37 -38.92 -24.02
CA ILE B 520 -4.11 -38.99 -24.77
C ILE B 520 -4.36 -39.01 -26.28
N GLN B 521 -5.59 -39.33 -26.72
CA GLN B 521 -5.92 -39.23 -28.13
C GLN B 521 -5.63 -37.83 -28.67
N LEU B 522 -5.83 -36.80 -27.84
CA LEU B 522 -5.43 -35.46 -28.21
C LEU B 522 -3.93 -35.38 -28.50
N PHE B 523 -3.14 -36.22 -27.84
CA PHE B 523 -1.69 -36.19 -27.94
C PHE B 523 -1.13 -37.29 -28.83
N VAL B 524 -1.99 -38.07 -29.48
CA VAL B 524 -1.53 -39.17 -30.30
C VAL B 524 -0.87 -38.64 -31.56
N GLY B 525 0.31 -39.14 -31.88
CA GLY B 525 1.02 -38.78 -33.09
C GLY B 525 2.24 -37.94 -32.85
N LEU B 526 2.53 -37.58 -31.61
CA LEU B 526 3.58 -36.63 -31.30
C LEU B 526 4.91 -37.36 -31.13
N LYS B 527 5.92 -36.89 -31.85
CA LYS B 527 7.26 -37.46 -31.74
C LYS B 527 7.80 -37.35 -30.33
N VAL B 528 7.88 -38.47 -29.63
CA VAL B 528 8.55 -38.54 -28.33
C VAL B 528 9.99 -38.97 -28.55
N HIS B 529 10.92 -38.29 -27.88
CA HIS B 529 12.33 -38.61 -27.99
C HIS B 529 12.75 -39.44 -26.79
N LEU B 530 13.57 -40.46 -27.04
CA LEU B 530 13.92 -41.46 -26.05
C LEU B 530 15.23 -41.09 -25.38
N SER B 531 15.28 -41.23 -24.06
CA SER B 531 16.51 -41.01 -23.32
C SER B 531 17.63 -41.91 -23.82
N THR B 532 17.29 -43.08 -24.37
CA THR B 532 18.29 -43.99 -24.92
C THR B 532 18.57 -43.65 -26.38
N GLY B 533 18.51 -42.36 -26.72
CA GLY B 533 18.88 -41.87 -28.03
C GLY B 533 18.14 -42.51 -29.18
N GLU B 534 16.82 -42.36 -29.22
CA GLU B 534 16.02 -42.99 -30.26
C GLU B 534 14.95 -42.00 -30.69
N LEU B 535 13.95 -42.51 -31.41
CA LEU B 535 12.83 -41.71 -31.90
C LEU B 535 11.57 -42.55 -31.86
N GLY B 536 10.69 -42.27 -30.90
CA GLY B 536 9.41 -42.93 -30.80
C GLY B 536 8.27 -42.01 -31.23
N ILE B 537 7.11 -42.62 -31.41
CA ILE B 537 5.90 -41.89 -31.78
C ILE B 537 4.75 -42.45 -30.96
N ILE B 538 3.86 -41.56 -30.53
CA ILE B 538 2.76 -41.98 -29.67
C ILE B 538 1.77 -42.81 -30.47
N ASP B 539 1.15 -43.76 -29.79
CA ASP B 539 0.02 -44.53 -30.33
C ASP B 539 -1.11 -44.43 -29.30
N SER B 540 -2.06 -45.36 -29.38
CA SER B 540 -3.27 -45.39 -28.54
C SER B 540 -3.15 -44.80 -27.14
N GLY B 546 -2.80 -43.66 -16.28
CA GLY B 546 -3.12 -43.77 -17.70
C GLY B 546 -1.90 -43.64 -18.60
N LYS B 547 -1.70 -44.65 -19.44
CA LYS B 547 -0.54 -44.69 -20.33
C LYS B 547 -0.88 -45.52 -21.55
N PHE B 548 0.03 -45.50 -22.51
CA PHE B 548 -0.24 -46.11 -23.80
C PHE B 548 1.08 -46.44 -24.49
N LYS B 549 0.98 -47.07 -25.64
CA LYS B 549 2.12 -47.57 -26.37
C LYS B 549 2.85 -46.44 -27.09
N ILE B 550 4.04 -46.76 -27.60
CA ILE B 550 4.85 -45.83 -28.39
C ILE B 550 5.52 -46.65 -29.49
N HIS B 551 5.20 -46.35 -30.74
CA HIS B 551 5.84 -47.04 -31.84
C HIS B 551 7.20 -46.43 -32.13
N ILE B 552 8.16 -47.28 -32.48
CA ILE B 552 9.52 -46.86 -32.80
C ILE B 552 9.79 -47.17 -34.25
N PRO B 553 9.73 -46.18 -35.15
CA PRO B 553 9.81 -46.47 -36.59
C PRO B 553 11.10 -47.12 -37.06
N GLY B 554 12.12 -47.20 -36.21
CA GLY B 554 13.36 -47.83 -36.63
C GLY B 554 13.64 -49.14 -35.91
N GLY B 555 13.36 -49.17 -34.61
CA GLY B 555 13.68 -50.33 -33.81
C GLY B 555 14.41 -49.98 -32.54
N LEU B 556 14.09 -50.69 -31.46
CA LEU B 556 14.78 -50.49 -30.20
C LEU B 556 16.27 -50.75 -30.34
N SER B 557 17.01 -50.62 -29.26
CA SER B 557 18.44 -50.85 -29.26
C SER B 557 18.78 -51.95 -28.27
N PRO B 558 19.92 -52.61 -28.43
CA PRO B 558 20.41 -53.47 -27.35
C PRO B 558 20.49 -52.72 -26.03
N GLU B 559 20.86 -51.44 -26.09
CA GLU B 559 20.76 -50.58 -24.91
C GLU B 559 19.31 -50.49 -24.43
N SER B 560 18.36 -50.36 -25.35
CA SER B 560 16.96 -50.36 -24.96
C SER B 560 16.52 -51.75 -24.52
N LYS B 561 16.93 -52.79 -25.25
CA LYS B 561 16.67 -54.15 -24.85
C LYS B 561 17.42 -54.55 -23.58
N LYS B 562 18.31 -53.68 -23.09
CA LYS B 562 19.03 -54.00 -21.85
C LYS B 562 18.07 -54.09 -20.67
N ILE B 563 16.98 -53.35 -20.72
CA ILE B 563 16.00 -53.39 -19.63
C ILE B 563 14.63 -53.69 -20.22
N LEU B 564 14.35 -54.95 -20.50
CA LEU B 564 13.07 -55.37 -21.07
C LEU B 564 12.32 -56.36 -20.16
N HIS B 594 14.20 -43.18 -19.96
CA HIS B 594 13.08 -42.27 -19.81
C HIS B 594 12.79 -41.59 -21.13
N VAL B 595 11.97 -40.56 -21.12
CA VAL B 595 11.53 -39.89 -22.35
C VAL B 595 10.90 -38.55 -21.97
N VAL B 596 10.79 -37.65 -22.97
CA VAL B 596 10.09 -36.36 -22.86
C VAL B 596 9.97 -35.71 -24.24
N LEU B 597 8.86 -35.00 -24.47
CA LEU B 597 8.58 -34.40 -25.77
C LEU B 597 8.89 -32.91 -25.75
N SER B 598 8.88 -32.31 -26.94
CA SER B 598 9.15 -30.89 -27.09
C SER B 598 8.04 -30.28 -27.96
N LEU B 599 6.85 -30.13 -27.37
CA LEU B 599 5.72 -29.54 -28.08
C LEU B 599 5.71 -28.02 -27.89
N THR B 600 4.92 -27.35 -28.75
CA THR B 600 4.85 -25.89 -28.82
C THR B 600 3.40 -25.50 -29.07
N PHE B 601 2.67 -25.22 -28.00
CA PHE B 601 1.26 -24.86 -28.07
C PHE B 601 1.10 -23.36 -28.01
N LYS B 602 0.30 -22.81 -28.94
CA LYS B 602 0.04 -21.39 -28.94
C LYS B 602 -0.61 -21.14 -27.60
N ARG B 603 -0.61 -19.91 -27.13
CA ARG B 603 -1.21 -19.65 -25.81
C ARG B 603 -2.72 -19.55 -25.91
N TYR B 604 -3.21 -18.58 -26.65
CA TYR B 604 -4.65 -18.39 -26.83
C TYR B 604 -5.00 -18.28 -28.30
N VAL B 605 -4.01 -18.47 -29.18
CA VAL B 605 -4.20 -18.20 -30.61
C VAL B 605 -4.98 -19.29 -31.32
N PHE B 606 -4.38 -20.48 -31.40
CA PHE B 606 -5.05 -21.71 -31.85
C PHE B 606 -5.35 -22.47 -30.56
N ASP B 607 -6.28 -21.92 -29.79
CA ASP B 607 -6.65 -22.47 -28.50
C ASP B 607 -8.01 -23.16 -28.54
N THR B 608 -8.98 -22.55 -29.20
CA THR B 608 -10.28 -23.17 -29.45
C THR B 608 -10.10 -24.61 -29.93
N HIS B 609 -9.01 -24.84 -30.65
CA HIS B 609 -8.63 -26.16 -31.15
C HIS B 609 -7.44 -26.77 -30.44
N LYS B 610 -6.47 -25.96 -29.99
CA LYS B 610 -5.36 -26.41 -29.15
C LYS B 610 -4.42 -27.37 -29.86
N ARG B 611 -3.72 -26.87 -30.86
CA ARG B 611 -2.77 -27.67 -31.62
C ARG B 611 -1.37 -27.60 -31.01
N MET B 612 -0.56 -28.63 -31.29
CA MET B 612 0.80 -28.72 -30.78
C MET B 612 1.73 -29.02 -31.95
N VAL B 613 2.86 -28.32 -31.98
CA VAL B 613 3.81 -28.39 -33.08
C VAL B 613 5.19 -28.67 -32.51
N GLN B 614 6.05 -29.29 -33.33
CA GLN B 614 7.45 -29.49 -32.99
C GLN B 614 8.26 -29.36 -34.27
N SER B 615 9.58 -29.49 -34.12
CA SER B 615 10.50 -29.23 -35.21
C SER B 615 10.45 -30.33 -36.27
#